data_1UND
#
_entry.id   1UND
#
_cell.length_a   1.000
_cell.length_b   1.000
_cell.length_c   1.000
_cell.angle_alpha   90.00
_cell.angle_beta   90.00
_cell.angle_gamma   90.00
#
_symmetry.space_group_name_H-M   'P 1'
#
_entity_poly.entity_id   1
_entity_poly.type   'polypeptide(L)'
_entity_poly.pdbx_seq_one_letter_code
;(ACE)YLSEQDFVSVFGITRGQFAALPGWKQLQMKKEKGLF
;
_entity_poly.pdbx_strand_id   A
#
# COMPACT_ATOMS: atom_id res chain seq x y z
N TYR A 2 5.95 -7.19 1.39
CA TYR A 2 7.37 -7.53 1.53
C TYR A 2 8.19 -6.34 2.06
N LEU A 3 7.62 -5.59 3.01
CA LEU A 3 8.19 -4.40 3.61
C LEU A 3 7.30 -3.97 4.78
N SER A 4 7.92 -3.72 5.94
CA SER A 4 7.28 -3.33 7.19
C SER A 4 6.22 -2.26 6.96
N GLU A 5 5.15 -2.28 7.77
CA GLU A 5 4.00 -1.40 7.60
C GLU A 5 4.41 0.08 7.60
N GLN A 6 5.52 0.42 8.28
CA GLN A 6 6.06 1.77 8.31
C GLN A 6 6.88 2.07 7.05
N ASP A 7 7.77 1.15 6.65
CA ASP A 7 8.55 1.24 5.42
C ASP A 7 7.64 1.34 4.20
N PHE A 8 6.52 0.61 4.27
CA PHE A 8 5.40 0.63 3.36
C PHE A 8 4.92 2.06 3.27
N VAL A 9 4.49 2.68 4.37
CA VAL A 9 4.06 4.07 4.37
C VAL A 9 5.09 4.99 3.73
N SER A 10 6.39 4.76 3.99
CA SER A 10 7.44 5.59 3.41
C SER A 10 7.45 5.49 1.86
N VAL A 11 7.27 4.27 1.33
CA VAL A 11 7.32 3.96 -0.10
C VAL A 11 5.98 4.23 -0.80
N PHE A 12 4.87 4.06 -0.09
CA PHE A 12 3.52 4.08 -0.61
C PHE A 12 2.99 5.51 -0.64
N GLY A 13 3.42 6.34 0.31
CA GLY A 13 3.09 7.75 0.34
C GLY A 13 1.70 7.96 0.93
N ILE A 14 1.20 6.99 1.70
CA ILE A 14 -0.10 7.07 2.36
C ILE A 14 0.08 6.63 3.81
N THR A 15 -1.02 6.40 4.53
CA THR A 15 -1.05 5.77 5.84
C THR A 15 -1.75 4.43 5.83
N ARG A 16 -1.38 3.63 6.84
CA ARG A 16 -2.00 2.37 7.16
C ARG A 16 -3.50 2.56 7.36
N GLY A 17 -3.89 3.67 7.98
CA GLY A 17 -5.28 4.01 8.22
C GLY A 17 -6.02 4.27 6.91
N GLN A 18 -5.49 5.20 6.10
CA GLN A 18 -6.08 5.58 4.83
C GLN A 18 -6.11 4.39 3.87
N PHE A 19 -5.07 3.56 3.88
CA PHE A 19 -4.97 2.37 3.04
C PHE A 19 -6.10 1.40 3.40
N ALA A 20 -6.30 1.12 4.69
CA ALA A 20 -7.38 0.26 5.15
C ALA A 20 -8.76 0.83 4.84
N ALA A 21 -8.86 2.15 4.60
CA ALA A 21 -10.09 2.81 4.20
C ALA A 21 -10.30 2.73 2.68
N LEU A 22 -9.23 2.79 1.90
CA LEU A 22 -9.28 2.73 0.44
C LEU A 22 -9.88 1.38 0.00
N PRO A 23 -10.54 1.31 -1.17
CA PRO A 23 -11.09 0.07 -1.70
C PRO A 23 -10.07 -1.07 -1.74
N GLY A 24 -10.52 -2.30 -1.49
CA GLY A 24 -9.67 -3.49 -1.53
C GLY A 24 -8.93 -3.65 -2.85
N TRP A 25 -9.53 -3.18 -3.96
CA TRP A 25 -8.86 -3.18 -5.25
C TRP A 25 -7.70 -2.19 -5.24
N LYS A 26 -7.93 -0.95 -4.82
CA LYS A 26 -6.88 0.05 -4.84
C LYS A 26 -5.76 -0.44 -3.91
N GLN A 27 -6.12 -1.13 -2.82
CA GLN A 27 -5.14 -1.70 -1.89
C GLN A 27 -4.23 -2.71 -2.62
N LEU A 28 -4.83 -3.73 -3.22
CA LEU A 28 -4.10 -4.79 -3.89
C LEU A 28 -3.31 -4.24 -5.09
N GLN A 29 -3.90 -3.27 -5.79
CA GLN A 29 -3.29 -2.56 -6.90
C GLN A 29 -1.97 -1.95 -6.43
N MET A 30 -1.96 -1.17 -5.34
CA MET A 30 -0.74 -0.56 -4.82
C MET A 30 0.31 -1.60 -4.43
N LYS A 31 -0.10 -2.67 -3.72
CA LYS A 31 0.81 -3.75 -3.36
C LYS A 31 1.53 -4.30 -4.59
N LYS A 32 0.77 -4.67 -5.62
CA LYS A 32 1.29 -5.22 -6.86
C LYS A 32 2.11 -4.19 -7.64
N GLU A 33 1.71 -2.91 -7.66
CA GLU A 33 2.35 -1.85 -8.41
C GLU A 33 3.80 -1.66 -7.99
N LYS A 34 4.07 -1.66 -6.67
CA LYS A 34 5.44 -1.63 -6.15
C LYS A 34 6.25 -2.82 -6.67
N GLY A 35 5.58 -3.96 -6.92
CA GLY A 35 6.15 -5.10 -7.60
C GLY A 35 6.30 -4.79 -9.10
N LEU A 36 5.28 -5.13 -9.89
CA LEU A 36 5.27 -4.99 -11.34
C LEU A 36 3.83 -5.09 -11.90
N PHE A 37 2.84 -4.65 -11.12
CA PHE A 37 1.40 -4.74 -11.37
C PHE A 37 0.89 -6.19 -11.30
N TYR A 2 6.18 -6.87 0.58
CA TYR A 2 7.63 -7.09 0.53
C TYR A 2 8.40 -6.02 1.33
N LEU A 3 7.75 -5.40 2.31
CA LEU A 3 8.23 -4.23 3.03
C LEU A 3 7.34 -4.03 4.25
N SER A 4 7.96 -3.88 5.44
CA SER A 4 7.29 -3.66 6.71
C SER A 4 6.23 -2.56 6.59
N GLU A 5 5.19 -2.63 7.42
CA GLU A 5 4.09 -1.69 7.39
C GLU A 5 4.55 -0.23 7.56
N GLN A 6 5.71 -0.03 8.18
CA GLN A 6 6.35 1.28 8.31
C GLN A 6 7.14 1.66 7.06
N ASP A 7 7.98 0.75 6.54
CA ASP A 7 8.75 0.97 5.30
C ASP A 7 7.81 1.23 4.13
N PHE A 8 6.63 0.59 4.18
CA PHE A 8 5.49 0.76 3.31
C PHE A 8 5.15 2.23 3.28
N VAL A 9 4.90 2.86 4.43
CA VAL A 9 4.55 4.29 4.48
C VAL A 9 5.62 5.15 3.78
N SER A 10 6.89 4.73 3.79
CA SER A 10 7.92 5.48 3.08
C SER A 10 7.71 5.40 1.55
N VAL A 11 7.48 4.19 1.04
CA VAL A 11 7.34 3.88 -0.39
C VAL A 11 5.97 4.30 -0.93
N PHE A 12 4.93 4.21 -0.10
CA PHE A 12 3.53 4.41 -0.45
C PHE A 12 3.20 5.88 -0.31
N GLY A 13 3.70 6.51 0.76
CA GLY A 13 3.42 7.89 1.06
C GLY A 13 2.06 8.04 1.76
N ILE A 14 1.41 6.93 2.13
CA ILE A 14 0.09 6.95 2.73
C ILE A 14 0.01 5.97 3.90
N THR A 15 -0.71 6.39 4.94
CA THR A 15 -0.88 5.72 6.21
C THR A 15 -1.72 4.45 6.15
N ARG A 16 -1.57 3.66 7.21
CA ARG A 16 -2.35 2.51 7.57
C ARG A 16 -3.83 2.88 7.54
N GLY A 17 -4.15 4.05 8.12
CA GLY A 17 -5.50 4.57 8.19
C GLY A 17 -6.07 4.82 6.80
N GLN A 18 -5.35 5.60 5.99
CA GLN A 18 -5.83 5.96 4.66
C GLN A 18 -5.85 4.74 3.72
N PHE A 19 -4.90 3.82 3.87
CA PHE A 19 -4.86 2.60 3.07
C PHE A 19 -6.07 1.72 3.39
N ALA A 20 -6.37 1.54 4.68
CA ALA A 20 -7.53 0.78 5.11
C ALA A 20 -8.84 1.45 4.71
N ALA A 21 -8.82 2.76 4.41
CA ALA A 21 -9.98 3.51 3.90
C ALA A 21 -10.13 3.32 2.40
N LEU A 22 -9.01 3.26 1.66
CA LEU A 22 -9.02 3.06 0.22
C LEU A 22 -9.68 1.71 -0.13
N PRO A 23 -10.36 1.59 -1.29
CA PRO A 23 -10.97 0.34 -1.72
C PRO A 23 -10.00 -0.85 -1.70
N GLY A 24 -10.52 -2.04 -1.40
CA GLY A 24 -9.74 -3.28 -1.36
C GLY A 24 -8.99 -3.54 -2.66
N TRP A 25 -9.55 -3.13 -3.81
CA TRP A 25 -8.84 -3.22 -5.07
C TRP A 25 -7.64 -2.29 -5.06
N LYS A 26 -7.84 -1.00 -4.73
CA LYS A 26 -6.76 -0.05 -4.81
C LYS A 26 -5.67 -0.51 -3.81
N GLN A 27 -6.07 -1.13 -2.69
CA GLN A 27 -5.14 -1.66 -1.70
C GLN A 27 -4.25 -2.75 -2.31
N LEU A 28 -4.88 -3.80 -2.83
CA LEU A 28 -4.17 -4.94 -3.40
C LEU A 28 -3.33 -4.49 -4.60
N GLN A 29 -3.87 -3.54 -5.36
CA GLN A 29 -3.27 -2.98 -6.56
C GLN A 29 -1.99 -2.22 -6.23
N MET A 30 -2.00 -1.29 -5.27
CA MET A 30 -0.82 -0.59 -4.81
C MET A 30 0.33 -1.55 -4.51
N LYS A 31 0.07 -2.60 -3.71
CA LYS A 31 1.10 -3.56 -3.36
C LYS A 31 1.80 -4.12 -4.60
N LYS A 32 1.02 -4.56 -5.61
CA LYS A 32 1.55 -5.02 -6.88
C LYS A 32 2.30 -3.90 -7.62
N GLU A 33 1.73 -2.69 -7.66
CA GLU A 33 2.22 -1.60 -8.50
C GLU A 33 3.56 -1.08 -7.99
N LYS A 34 3.64 -0.75 -6.69
CA LYS A 34 4.88 -0.44 -6.00
C LYS A 34 5.91 -1.55 -6.21
N GLY A 35 5.44 -2.80 -6.23
CA GLY A 35 6.23 -3.96 -6.62
C GLY A 35 6.78 -3.79 -8.04
N LEU A 36 6.03 -4.26 -9.05
CA LEU A 36 6.45 -4.25 -10.44
C LEU A 36 5.27 -4.32 -11.43
N PHE A 37 4.10 -3.80 -11.03
CA PHE A 37 2.88 -3.80 -11.84
C PHE A 37 2.44 -2.35 -12.15
N TYR A 2 7.47 -8.23 3.03
CA TYR A 2 8.07 -7.70 1.81
C TYR A 2 8.70 -6.32 2.00
N LEU A 3 8.05 -5.57 2.87
CA LEU A 3 8.45 -4.28 3.41
C LEU A 3 7.52 -3.98 4.59
N SER A 4 8.10 -3.62 5.74
CA SER A 4 7.39 -3.32 6.98
C SER A 4 6.25 -2.33 6.74
N GLU A 5 5.24 -2.35 7.60
CA GLU A 5 4.06 -1.49 7.48
C GLU A 5 4.45 -0.01 7.48
N GLN A 6 5.61 0.32 8.06
CA GLN A 6 6.17 1.66 8.06
C GLN A 6 6.92 1.95 6.75
N ASP A 7 7.81 1.05 6.31
CA ASP A 7 8.53 1.18 5.03
C ASP A 7 7.54 1.28 3.87
N PHE A 8 6.44 0.52 3.99
CA PHE A 8 5.27 0.52 3.14
C PHE A 8 4.81 1.95 3.01
N VAL A 9 4.50 2.64 4.10
CA VAL A 9 3.98 4.00 4.02
C VAL A 9 4.96 4.92 3.31
N SER A 10 6.27 4.68 3.44
CA SER A 10 7.26 5.49 2.73
C SER A 10 7.16 5.28 1.21
N VAL A 11 7.10 4.01 0.78
CA VAL A 11 7.06 3.60 -0.62
C VAL A 11 5.69 3.86 -1.25
N PHE A 12 4.61 3.74 -0.46
CA PHE A 12 3.22 3.83 -0.89
C PHE A 12 2.83 5.30 -0.95
N GLY A 13 3.32 6.08 0.02
CA GLY A 13 3.07 7.50 0.11
C GLY A 13 1.72 7.76 0.76
N ILE A 14 1.16 6.76 1.47
CA ILE A 14 -0.13 6.88 2.12
C ILE A 14 -0.10 5.97 3.34
N THR A 15 -0.74 6.41 4.43
CA THR A 15 -0.71 5.70 5.70
C THR A 15 -1.41 4.35 5.65
N ARG A 16 -1.03 3.52 6.62
CA ARG A 16 -1.64 2.27 6.97
C ARG A 16 -3.14 2.46 7.21
N GLY A 17 -3.48 3.56 7.88
CA GLY A 17 -4.85 3.94 8.17
C GLY A 17 -5.60 4.26 6.88
N GLN A 18 -5.06 5.17 6.07
CA GLN A 18 -5.72 5.59 4.83
C GLN A 18 -5.81 4.43 3.84
N PHE A 19 -4.79 3.57 3.78
CA PHE A 19 -4.78 2.40 2.92
C PHE A 19 -5.92 1.46 3.32
N ALA A 20 -6.04 1.16 4.62
CA ALA A 20 -7.11 0.31 5.11
C ALA A 20 -8.50 0.92 4.90
N ALA A 21 -8.59 2.24 4.69
CA ALA A 21 -9.83 2.94 4.39
C ALA A 21 -10.13 2.89 2.89
N LEU A 22 -9.10 2.94 2.03
CA LEU A 22 -9.25 2.91 0.58
C LEU A 22 -9.90 1.59 0.14
N PRO A 23 -10.63 1.57 -0.99
CA PRO A 23 -11.25 0.35 -1.52
C PRO A 23 -10.27 -0.80 -1.68
N GLY A 24 -10.74 -2.03 -1.46
CA GLY A 24 -9.96 -3.24 -1.62
C GLY A 24 -9.25 -3.33 -2.97
N TRP A 25 -9.87 -2.80 -4.03
CA TRP A 25 -9.27 -2.75 -5.35
C TRP A 25 -8.06 -1.82 -5.37
N LYS A 26 -8.24 -0.58 -4.91
CA LYS A 26 -7.15 0.39 -4.92
C LYS A 26 -6.02 -0.15 -4.03
N GLN A 27 -6.37 -0.87 -2.96
CA GLN A 27 -5.40 -1.48 -2.05
C GLN A 27 -4.55 -2.50 -2.81
N LEU A 28 -5.21 -3.50 -3.41
CA LEU A 28 -4.53 -4.59 -4.10
C LEU A 28 -3.72 -4.06 -5.28
N GLN A 29 -4.27 -3.07 -6.00
CA GLN A 29 -3.58 -2.42 -7.11
C GLN A 29 -2.29 -1.78 -6.61
N MET A 30 -2.35 -0.95 -5.57
CA MET A 30 -1.19 -0.29 -4.99
C MET A 30 -0.10 -1.29 -4.59
N LYS A 31 -0.47 -2.40 -3.94
CA LYS A 31 0.50 -3.43 -3.57
C LYS A 31 1.27 -3.94 -4.80
N LYS A 32 0.55 -4.33 -5.86
CA LYS A 32 1.17 -4.77 -7.10
C LYS A 32 2.03 -3.68 -7.73
N GLU A 33 1.52 -2.44 -7.78
CA GLU A 33 2.15 -1.33 -8.46
C GLU A 33 3.48 -0.96 -7.81
N LYS A 34 3.46 -0.69 -6.51
CA LYS A 34 4.66 -0.44 -5.70
C LYS A 34 5.60 -1.65 -5.78
N GLY A 35 5.04 -2.86 -5.96
CA GLY A 35 5.75 -4.07 -6.28
C GLY A 35 6.54 -3.89 -7.59
N LEU A 36 5.89 -4.20 -8.73
CA LEU A 36 6.53 -4.21 -10.03
C LEU A 36 5.50 -4.10 -11.17
N PHE A 37 4.44 -3.31 -10.98
CA PHE A 37 3.40 -3.10 -11.97
C PHE A 37 3.07 -1.60 -12.10
N TYR A 2 5.01 -6.99 1.85
CA TYR A 2 6.36 -7.42 1.48
C TYR A 2 7.41 -6.39 1.92
N LEU A 3 7.11 -5.58 2.94
CA LEU A 3 7.88 -4.45 3.44
C LEU A 3 7.17 -3.95 4.69
N SER A 4 7.94 -3.76 5.79
CA SER A 4 7.45 -3.33 7.10
C SER A 4 6.48 -2.17 6.96
N GLU A 5 5.41 -2.17 7.77
CA GLU A 5 4.28 -1.26 7.66
C GLU A 5 4.69 0.21 7.62
N GLN A 6 5.84 0.54 8.21
CA GLN A 6 6.42 1.86 8.18
C GLN A 6 7.17 2.12 6.86
N ASP A 7 8.05 1.19 6.46
CA ASP A 7 8.73 1.20 5.16
C ASP A 7 7.75 1.33 3.99
N PHE A 8 6.63 0.62 4.15
CA PHE A 8 5.46 0.61 3.30
C PHE A 8 5.02 2.04 3.10
N VAL A 9 4.71 2.77 4.18
CA VAL A 9 4.21 4.12 4.06
C VAL A 9 5.22 5.02 3.33
N SER A 10 6.53 4.75 3.48
CA SER A 10 7.54 5.53 2.79
C SER A 10 7.44 5.30 1.27
N VAL A 11 7.30 4.03 0.86
CA VAL A 11 7.25 3.60 -0.54
C VAL A 11 5.87 3.88 -1.18
N PHE A 12 4.80 3.77 -0.39
CA PHE A 12 3.41 3.85 -0.82
C PHE A 12 3.01 5.32 -0.91
N GLY A 13 3.49 6.11 0.06
CA GLY A 13 3.20 7.53 0.13
C GLY A 13 1.86 7.79 0.78
N ILE A 14 1.30 6.78 1.48
CA ILE A 14 0.00 6.90 2.14
C ILE A 14 0.04 6.00 3.36
N THR A 15 -0.59 6.45 4.45
CA THR A 15 -0.55 5.77 5.73
C THR A 15 -1.22 4.41 5.71
N ARG A 16 -0.81 3.61 6.70
CA ARG A 16 -1.40 2.34 7.06
C ARG A 16 -2.91 2.50 7.29
N GLY A 17 -3.27 3.60 7.96
CA GLY A 17 -4.66 3.96 8.24
C GLY A 17 -5.41 4.27 6.96
N GLN A 18 -4.89 5.18 6.14
CA GLN A 18 -5.53 5.57 4.89
C GLN A 18 -5.62 4.39 3.93
N PHE A 19 -4.59 3.55 3.89
CA PHE A 19 -4.55 2.38 3.03
C PHE A 19 -5.67 1.41 3.42
N ALA A 20 -5.82 1.14 4.72
CA ALA A 20 -6.89 0.27 5.21
C ALA A 20 -8.28 0.87 4.98
N ALA A 21 -8.38 2.19 4.76
CA ALA A 21 -9.63 2.87 4.43
C ALA A 21 -9.93 2.79 2.94
N LEU A 22 -8.89 2.85 2.09
CA LEU A 22 -9.02 2.76 0.64
C LEU A 22 -9.63 1.41 0.25
N PRO A 23 -10.32 1.31 -0.90
CA PRO A 23 -10.99 0.10 -1.32
C PRO A 23 -9.99 -1.02 -1.60
N GLY A 24 -10.42 -2.27 -1.39
CA GLY A 24 -9.62 -3.47 -1.57
C GLY A 24 -8.93 -3.53 -2.92
N TRP A 25 -9.57 -2.99 -3.97
CA TRP A 25 -8.98 -2.94 -5.29
C TRP A 25 -7.81 -1.95 -5.33
N LYS A 26 -8.00 -0.72 -4.84
CA LYS A 26 -6.92 0.26 -4.85
C LYS A 26 -5.78 -0.29 -3.98
N GLN A 27 -6.12 -1.01 -2.90
CA GLN A 27 -5.12 -1.61 -2.01
C GLN A 27 -4.26 -2.61 -2.79
N LEU A 28 -4.90 -3.62 -3.38
CA LEU A 28 -4.21 -4.69 -4.08
C LEU A 28 -3.42 -4.13 -5.26
N GLN A 29 -3.99 -3.16 -5.97
CA GLN A 29 -3.32 -2.49 -7.07
C GLN A 29 -2.01 -1.87 -6.57
N MET A 30 -2.08 -1.06 -5.51
CA MET A 30 -0.91 -0.39 -4.93
C MET A 30 0.19 -1.37 -4.53
N LYS A 31 -0.16 -2.52 -3.93
CA LYS A 31 0.83 -3.54 -3.61
C LYS A 31 1.60 -3.98 -4.85
N LYS A 32 0.88 -4.37 -5.91
CA LYS A 32 1.47 -4.78 -7.17
C LYS A 32 2.31 -3.66 -7.79
N GLU A 33 1.78 -2.43 -7.80
CA GLU A 33 2.36 -1.29 -8.49
C GLU A 33 3.68 -0.87 -7.84
N LYS A 34 3.67 -0.65 -6.52
CA LYS A 34 4.87 -0.39 -5.74
C LYS A 34 5.84 -1.58 -5.83
N GLY A 35 5.30 -2.79 -6.02
CA GLY A 35 6.04 -4.00 -6.34
C GLY A 35 6.82 -3.80 -7.65
N LEU A 36 6.19 -4.14 -8.78
CA LEU A 36 6.83 -4.15 -10.10
C LEU A 36 5.80 -4.22 -11.23
N PHE A 37 4.59 -3.68 -11.01
CA PHE A 37 3.49 -3.72 -11.96
C PHE A 37 3.18 -2.31 -12.48
N TYR A 2 5.34 -7.05 1.83
CA TYR A 2 6.71 -7.36 1.45
C TYR A 2 7.70 -6.27 1.89
N LEU A 3 7.33 -5.50 2.93
CA LEU A 3 8.03 -4.33 3.42
C LEU A 3 7.32 -3.87 4.70
N SER A 4 8.08 -3.64 5.78
CA SER A 4 7.58 -3.22 7.09
C SER A 4 6.55 -2.11 6.95
N GLU A 5 5.50 -2.13 7.79
CA GLU A 5 4.31 -1.29 7.65
C GLU A 5 4.65 0.20 7.62
N GLN A 6 5.80 0.58 8.17
CA GLN A 6 6.33 1.93 8.11
C GLN A 6 7.04 2.20 6.78
N ASP A 7 7.96 1.31 6.37
CA ASP A 7 8.65 1.34 5.08
C ASP A 7 7.64 1.33 3.91
N PHE A 8 6.53 0.64 4.13
CA PHE A 8 5.36 0.58 3.29
C PHE A 8 4.88 1.99 3.06
N VAL A 9 4.59 2.75 4.11
CA VAL A 9 4.06 4.10 3.96
C VAL A 9 5.05 4.97 3.20
N SER A 10 6.37 4.74 3.36
CA SER A 10 7.36 5.52 2.64
C SER A 10 7.23 5.28 1.13
N VAL A 11 7.15 4.00 0.72
CA VAL A 11 7.07 3.58 -0.67
C VAL A 11 5.66 3.82 -1.27
N PHE A 12 4.63 3.70 -0.45
CA PHE A 12 3.23 3.76 -0.83
C PHE A 12 2.77 5.22 -0.88
N GLY A 13 3.44 6.09 -0.12
CA GLY A 13 3.03 7.48 0.10
C GLY A 13 1.58 7.59 0.56
N ILE A 14 1.06 6.57 1.25
CA ILE A 14 -0.25 6.64 1.89
C ILE A 14 -0.16 5.83 3.17
N THR A 15 -0.82 6.32 4.23
CA THR A 15 -0.75 5.70 5.55
C THR A 15 -1.40 4.33 5.59
N ARG A 16 -0.99 3.57 6.61
CA ARG A 16 -1.56 2.32 7.05
C ARG A 16 -3.06 2.48 7.29
N GLY A 17 -3.43 3.60 7.92
CA GLY A 17 -4.81 3.94 8.22
C GLY A 17 -5.59 4.19 6.93
N GLN A 18 -5.07 5.09 6.07
CA GLN A 18 -5.73 5.43 4.81
C GLN A 18 -5.82 4.21 3.89
N PHE A 19 -4.77 3.38 3.84
CA PHE A 19 -4.74 2.19 3.02
C PHE A 19 -5.87 1.25 3.44
N ALA A 20 -6.00 0.99 4.75
CA ALA A 20 -7.04 0.11 5.27
C ALA A 20 -8.45 0.68 5.04
N ALA A 21 -8.57 1.99 4.78
CA ALA A 21 -9.83 2.65 4.46
C ALA A 21 -10.13 2.58 2.96
N LEU A 22 -9.09 2.64 2.11
CA LEU A 22 -9.23 2.63 0.66
C LEU A 22 -9.88 1.33 0.18
N PRO A 23 -10.55 1.34 -0.99
CA PRO A 23 -11.16 0.14 -1.57
C PRO A 23 -10.18 -1.02 -1.67
N GLY A 24 -10.68 -2.25 -1.50
CA GLY A 24 -9.89 -3.48 -1.60
C GLY A 24 -9.11 -3.57 -2.92
N TRP A 25 -9.68 -3.04 -4.01
CA TRP A 25 -8.98 -2.99 -5.29
C TRP A 25 -7.80 -2.04 -5.21
N LYS A 26 -8.00 -0.81 -4.75
CA LYS A 26 -6.92 0.16 -4.69
C LYS A 26 -5.84 -0.38 -3.73
N GLN A 27 -6.24 -1.13 -2.69
CA GLN A 27 -5.31 -1.76 -1.77
C GLN A 27 -4.42 -2.75 -2.50
N LEU A 28 -5.03 -3.74 -3.14
CA LEU A 28 -4.31 -4.80 -3.83
C LEU A 28 -3.47 -4.23 -4.97
N GLN A 29 -4.03 -3.24 -5.67
CA GLN A 29 -3.41 -2.52 -6.77
C GLN A 29 -2.10 -1.88 -6.31
N MET A 30 -2.11 -1.06 -5.26
CA MET A 30 -0.92 -0.41 -4.73
C MET A 30 0.15 -1.42 -4.36
N LYS A 31 -0.22 -2.51 -3.67
CA LYS A 31 0.72 -3.55 -3.31
C LYS A 31 1.45 -4.12 -4.53
N LYS A 32 0.71 -4.54 -5.57
CA LYS A 32 1.33 -5.05 -6.77
C LYS A 32 2.15 -3.97 -7.49
N GLU A 33 1.60 -2.76 -7.61
CA GLU A 33 2.16 -1.71 -8.45
C GLU A 33 3.49 -1.20 -7.89
N LYS A 34 3.54 -0.92 -6.58
CA LYS A 34 4.78 -0.56 -5.90
C LYS A 34 5.76 -1.74 -5.92
N GLY A 35 5.22 -2.98 -5.96
CA GLY A 35 5.97 -4.20 -6.18
C GLY A 35 6.62 -4.22 -7.57
N LEU A 36 5.89 -4.75 -8.55
CA LEU A 36 6.38 -5.06 -9.89
C LEU A 36 5.21 -5.08 -10.89
N PHE A 37 4.30 -4.10 -10.77
CA PHE A 37 3.09 -3.88 -11.55
C PHE A 37 1.94 -4.76 -11.03
N TYR A 2 5.15 -7.30 2.21
CA TYR A 2 6.53 -7.71 2.00
C TYR A 2 7.52 -6.57 2.28
N LEU A 3 7.17 -5.68 3.21
CA LEU A 3 7.92 -4.49 3.60
C LEU A 3 7.23 -3.95 4.86
N SER A 4 8.04 -3.67 5.90
CA SER A 4 7.57 -3.24 7.22
C SER A 4 6.50 -2.16 7.06
N GLU A 5 5.43 -2.24 7.87
CA GLU A 5 4.23 -1.44 7.69
C GLU A 5 4.51 0.07 7.75
N GLN A 6 5.65 0.47 8.34
CA GLN A 6 6.12 1.85 8.34
C GLN A 6 6.86 2.19 7.03
N ASP A 7 7.80 1.33 6.62
CA ASP A 7 8.52 1.41 5.34
C ASP A 7 7.53 1.45 4.17
N PHE A 8 6.45 0.68 4.30
CA PHE A 8 5.29 0.63 3.43
C PHE A 8 4.78 2.04 3.25
N VAL A 9 4.44 2.73 4.34
CA VAL A 9 3.86 4.06 4.26
C VAL A 9 4.84 5.02 3.59
N SER A 10 6.15 4.82 3.75
CA SER A 10 7.14 5.66 3.11
C SER A 10 7.06 5.52 1.58
N VAL A 11 6.97 4.27 1.10
CA VAL A 11 6.95 3.94 -0.33
C VAL A 11 5.57 4.16 -0.95
N PHE A 12 4.49 3.91 -0.19
CA PHE A 12 3.10 3.97 -0.62
C PHE A 12 2.66 5.44 -0.61
N GLY A 13 3.21 6.22 0.32
CA GLY A 13 2.96 7.65 0.42
C GLY A 13 1.65 7.92 1.15
N ILE A 14 1.10 6.91 1.84
CA ILE A 14 -0.19 7.01 2.50
C ILE A 14 -0.14 6.06 3.68
N THR A 15 -0.83 6.41 4.78
CA THR A 15 -0.80 5.62 5.99
C THR A 15 -1.45 4.26 5.84
N ARG A 16 -1.04 3.38 6.75
CA ARG A 16 -1.60 2.07 7.00
C ARG A 16 -3.12 2.19 7.23
N GLY A 17 -3.51 3.24 7.96
CA GLY A 17 -4.90 3.56 8.24
C GLY A 17 -5.66 3.91 6.96
N GLN A 18 -5.15 4.87 6.18
CA GLN A 18 -5.81 5.30 4.96
C GLN A 18 -5.85 4.17 3.92
N PHE A 19 -4.78 3.37 3.86
CA PHE A 19 -4.71 2.19 3.01
C PHE A 19 -5.82 1.21 3.38
N ALA A 20 -5.97 0.90 4.67
CA ALA A 20 -7.03 0.00 5.13
C ALA A 20 -8.44 0.57 4.89
N ALA A 21 -8.55 1.89 4.68
CA ALA A 21 -9.81 2.56 4.35
C ALA A 21 -10.08 2.51 2.84
N LEU A 22 -9.03 2.60 2.01
CA LEU A 22 -9.13 2.55 0.56
C LEU A 22 -9.76 1.22 0.11
N PRO A 23 -10.44 1.17 -1.05
CA PRO A 23 -11.02 -0.05 -1.59
C PRO A 23 -10.01 -1.19 -1.67
N GLY A 24 -10.47 -2.42 -1.44
CA GLY A 24 -9.66 -3.63 -1.53
C GLY A 24 -8.93 -3.75 -2.87
N TRP A 25 -9.53 -3.25 -3.95
CA TRP A 25 -8.87 -3.24 -5.25
C TRP A 25 -7.71 -2.28 -5.25
N LYS A 26 -7.91 -1.03 -4.81
CA LYS A 26 -6.85 -0.04 -4.82
C LYS A 26 -5.72 -0.56 -3.91
N GLN A 27 -6.08 -1.26 -2.83
CA GLN A 27 -5.12 -1.85 -1.91
C GLN A 27 -4.22 -2.84 -2.64
N LEU A 28 -4.84 -3.86 -3.24
CA LEU A 28 -4.12 -4.93 -3.93
C LEU A 28 -3.33 -4.38 -5.11
N GLN A 29 -3.91 -3.40 -5.82
CA GLN A 29 -3.31 -2.71 -6.94
C GLN A 29 -1.97 -2.08 -6.53
N MET A 30 -1.96 -1.26 -5.48
CA MET A 30 -0.74 -0.66 -4.97
C MET A 30 0.31 -1.72 -4.63
N LYS A 31 -0.09 -2.80 -3.94
CA LYS A 31 0.81 -3.87 -3.58
C LYS A 31 1.47 -4.50 -4.81
N LYS A 32 0.69 -4.86 -5.83
CA LYS A 32 1.25 -5.48 -7.03
C LYS A 32 2.07 -4.49 -7.87
N GLU A 33 1.73 -3.19 -7.82
CA GLU A 33 2.43 -2.13 -8.52
C GLU A 33 3.82 -1.93 -7.92
N LYS A 34 3.91 -1.76 -6.59
CA LYS A 34 5.18 -1.78 -5.88
C LYS A 34 5.94 -3.09 -6.13
N GLY A 35 5.19 -4.19 -6.36
CA GLY A 35 5.73 -5.46 -6.82
C GLY A 35 6.42 -5.30 -8.16
N LEU A 36 5.68 -5.50 -9.26
CA LEU A 36 6.23 -5.49 -10.61
C LEU A 36 5.13 -5.43 -11.69
N PHE A 37 3.94 -4.89 -11.37
CA PHE A 37 2.81 -4.87 -12.28
C PHE A 37 1.83 -3.78 -11.86
N TYR A 2 9.96 -8.09 4.07
CA TYR A 2 9.24 -7.58 2.92
C TYR A 2 8.21 -6.57 3.40
N LEU A 3 8.42 -5.29 3.06
CA LEU A 3 7.49 -4.18 3.28
C LEU A 3 7.02 -4.08 4.73
N SER A 4 7.81 -3.39 5.57
CA SER A 4 7.36 -3.01 6.90
C SER A 4 6.25 -1.99 6.72
N GLU A 5 5.30 -1.94 7.64
CA GLU A 5 4.13 -1.07 7.51
C GLU A 5 4.54 0.40 7.37
N GLN A 6 5.73 0.76 7.88
CA GLN A 6 6.29 2.10 7.77
C GLN A 6 6.98 2.33 6.42
N ASP A 7 7.88 1.43 5.99
CA ASP A 7 8.54 1.53 4.68
C ASP A 7 7.53 1.51 3.54
N PHE A 8 6.49 0.70 3.74
CA PHE A 8 5.29 0.63 2.95
C PHE A 8 4.79 2.05 2.74
N VAL A 9 4.52 2.80 3.79
CA VAL A 9 3.99 4.15 3.64
C VAL A 9 4.95 5.03 2.85
N SER A 10 6.26 4.80 2.96
CA SER A 10 7.22 5.58 2.21
C SER A 10 7.09 5.29 0.70
N VAL A 11 6.99 4.02 0.33
CA VAL A 11 6.90 3.54 -1.04
C VAL A 11 5.50 3.77 -1.64
N PHE A 12 4.46 3.68 -0.81
CA PHE A 12 3.06 3.75 -1.20
C PHE A 12 2.66 5.21 -1.33
N GLY A 13 3.17 6.05 -0.43
CA GLY A 13 2.92 7.48 -0.42
C GLY A 13 1.59 7.76 0.26
N ILE A 14 1.06 6.81 1.05
CA ILE A 14 -0.21 6.96 1.74
C ILE A 14 -0.11 6.12 3.00
N THR A 15 -0.71 6.61 4.09
CA THR A 15 -0.62 5.97 5.39
C THR A 15 -1.31 4.62 5.45
N ARG A 16 -0.89 3.84 6.45
CA ARG A 16 -1.49 2.60 6.87
C ARG A 16 -2.98 2.80 7.15
N GLY A 17 -3.31 3.94 7.79
CA GLY A 17 -4.66 4.32 8.13
C GLY A 17 -5.48 4.59 6.86
N GLN A 18 -4.97 5.47 5.99
CA GLN A 18 -5.65 5.82 4.75
C GLN A 18 -5.79 4.60 3.84
N PHE A 19 -4.76 3.76 3.78
CA PHE A 19 -4.76 2.55 2.97
C PHE A 19 -5.88 1.62 3.45
N ALA A 20 -5.97 1.37 4.76
CA ALA A 20 -7.00 0.52 5.33
C ALA A 20 -8.41 1.12 5.14
N ALA A 21 -8.51 2.43 4.88
CA ALA A 21 -9.78 3.10 4.59
C ALA A 21 -10.13 3.00 3.10
N LEU A 22 -9.12 3.02 2.22
CA LEU A 22 -9.32 2.94 0.77
C LEU A 22 -9.99 1.60 0.40
N PRO A 23 -10.75 1.54 -0.72
CA PRO A 23 -11.38 0.31 -1.18
C PRO A 23 -10.40 -0.85 -1.29
N GLY A 24 -10.86 -2.07 -1.00
CA GLY A 24 -10.07 -3.29 -1.09
C GLY A 24 -9.42 -3.47 -2.47
N TRP A 25 -10.07 -2.99 -3.54
CA TRP A 25 -9.48 -3.01 -4.86
C TRP A 25 -8.31 -2.05 -4.94
N LYS A 26 -8.49 -0.79 -4.53
CA LYS A 26 -7.42 0.18 -4.63
C LYS A 26 -6.24 -0.31 -3.76
N GLN A 27 -6.54 -1.00 -2.64
CA GLN A 27 -5.54 -1.58 -1.77
C GLN A 27 -4.69 -2.60 -2.53
N LEU A 28 -5.36 -3.62 -3.10
CA LEU A 28 -4.68 -4.70 -3.80
C LEU A 28 -3.95 -4.17 -5.04
N GLN A 29 -4.58 -3.24 -5.75
CA GLN A 29 -4.01 -2.53 -6.89
C GLN A 29 -2.67 -1.89 -6.50
N MET A 30 -2.64 -1.13 -5.40
CA MET A 30 -1.43 -0.48 -4.93
C MET A 30 -0.36 -1.49 -4.55
N LYS A 31 -0.71 -2.57 -3.86
CA LYS A 31 0.24 -3.63 -3.55
C LYS A 31 0.92 -4.17 -4.81
N LYS A 32 0.12 -4.56 -5.82
CA LYS A 32 0.64 -5.04 -7.08
C LYS A 32 1.52 -3.99 -7.77
N GLU A 33 1.05 -2.75 -7.87
CA GLU A 33 1.72 -1.70 -8.61
C GLU A 33 3.06 -1.34 -7.97
N LYS A 34 3.08 -1.01 -6.67
CA LYS A 34 4.31 -0.75 -5.94
C LYS A 34 5.25 -1.98 -6.00
N GLY A 35 4.66 -3.18 -6.08
CA GLY A 35 5.37 -4.42 -6.37
C GLY A 35 6.06 -4.35 -7.74
N LEU A 36 5.35 -4.75 -8.79
CA LEU A 36 5.89 -4.94 -10.13
C LEU A 36 5.74 -3.69 -11.02
N PHE A 37 6.00 -2.51 -10.46
CA PHE A 37 6.11 -1.24 -11.19
C PHE A 37 7.01 -1.35 -12.43
N TYR A 2 8.97 -8.46 0.69
CA TYR A 2 7.97 -7.46 1.04
C TYR A 2 8.64 -6.26 1.77
N LEU A 3 7.90 -5.55 2.61
CA LEU A 3 8.32 -4.35 3.31
C LEU A 3 7.31 -4.07 4.43
N SER A 4 7.84 -3.89 5.65
CA SER A 4 7.07 -3.61 6.86
C SER A 4 6.09 -2.46 6.62
N GLU A 5 4.94 -2.47 7.29
CA GLU A 5 3.88 -1.49 7.05
C GLU A 5 4.31 -0.05 7.32
N GLN A 6 5.43 0.14 8.03
CA GLN A 6 6.08 1.42 8.20
C GLN A 6 6.94 1.79 6.97
N ASP A 7 7.81 0.87 6.53
CA ASP A 7 8.64 1.03 5.33
C ASP A 7 7.76 1.21 4.07
N PHE A 8 6.61 0.54 4.08
CA PHE A 8 5.50 0.62 3.16
C PHE A 8 5.09 2.07 3.04
N VAL A 9 4.82 2.77 4.14
CA VAL A 9 4.41 4.16 4.09
C VAL A 9 5.44 5.01 3.36
N SER A 10 6.73 4.67 3.49
CA SER A 10 7.79 5.41 2.80
C SER A 10 7.75 5.24 1.28
N VAL A 11 7.17 4.13 0.79
CA VAL A 11 7.14 3.72 -0.61
C VAL A 11 5.75 3.96 -1.23
N PHE A 12 4.68 3.83 -0.44
CA PHE A 12 3.29 3.92 -0.83
C PHE A 12 2.86 5.38 -0.79
N GLY A 13 3.35 6.12 0.21
CA GLY A 13 3.04 7.53 0.36
C GLY A 13 1.69 7.72 1.04
N ILE A 14 1.10 6.66 1.61
CA ILE A 14 -0.18 6.71 2.28
C ILE A 14 -0.16 5.80 3.50
N THR A 15 -0.80 6.25 4.59
CA THR A 15 -0.83 5.55 5.85
C THR A 15 -1.56 4.22 5.79
N ARG A 16 -1.21 3.37 6.75
CA ARG A 16 -1.86 2.13 7.09
C ARG A 16 -3.34 2.35 7.30
N GLY A 17 -3.68 3.47 7.96
CA GLY A 17 -5.05 3.88 8.22
C GLY A 17 -5.80 4.16 6.92
N GLN A 18 -5.25 5.04 6.07
CA GLN A 18 -5.90 5.43 4.83
C GLN A 18 -5.97 4.24 3.87
N PHE A 19 -4.92 3.43 3.83
CA PHE A 19 -4.86 2.23 3.00
C PHE A 19 -5.99 1.27 3.38
N ALA A 20 -6.15 1.00 4.68
CA ALA A 20 -7.21 0.12 5.16
C ALA A 20 -8.61 0.70 4.91
N ALA A 21 -8.72 2.02 4.68
CA ALA A 21 -9.97 2.68 4.33
C ALA A 21 -10.25 2.61 2.82
N LEU A 22 -9.19 2.68 2.00
CA LEU A 22 -9.29 2.66 0.54
C LEU A 22 -9.93 1.33 0.08
N PRO A 23 -10.61 1.29 -1.08
CA PRO A 23 -11.19 0.08 -1.64
C PRO A 23 -10.18 -1.07 -1.72
N GLY A 24 -10.66 -2.30 -1.50
CA GLY A 24 -9.84 -3.51 -1.59
C GLY A 24 -9.09 -3.62 -2.93
N TRP A 25 -9.69 -3.11 -4.01
CA TRP A 25 -9.02 -3.09 -5.30
C TRP A 25 -7.87 -2.08 -5.29
N LYS A 26 -8.10 -0.86 -4.81
CA LYS A 26 -7.06 0.15 -4.79
C LYS A 26 -5.92 -0.36 -3.87
N GLN A 27 -6.28 -1.11 -2.82
CA GLN A 27 -5.30 -1.70 -1.91
C GLN A 27 -4.40 -2.68 -2.66
N LEU A 28 -5.00 -3.70 -3.29
CA LEU A 28 -4.26 -4.74 -3.99
C LEU A 28 -3.48 -4.14 -5.17
N GLN A 29 -4.10 -3.18 -5.87
CA GLN A 29 -3.48 -2.41 -6.94
C GLN A 29 -2.16 -1.82 -6.46
N MET A 30 -2.19 -1.05 -5.37
CA MET A 30 -1.00 -0.42 -4.81
C MET A 30 0.05 -1.45 -4.41
N LYS A 31 -0.34 -2.52 -3.70
CA LYS A 31 0.59 -3.57 -3.29
C LYS A 31 1.37 -4.13 -4.50
N LYS A 32 0.66 -4.50 -5.56
CA LYS A 32 1.28 -4.97 -6.79
C LYS A 32 2.16 -3.88 -7.40
N GLU A 33 1.60 -2.69 -7.63
CA GLU A 33 2.22 -1.61 -8.39
C GLU A 33 3.53 -1.13 -7.76
N LYS A 34 3.54 -0.90 -6.45
CA LYS A 34 4.75 -0.54 -5.71
C LYS A 34 5.80 -1.65 -5.84
N GLY A 35 5.35 -2.91 -5.98
CA GLY A 35 6.20 -4.04 -6.33
C GLY A 35 6.69 -3.88 -7.78
N LEU A 36 5.91 -4.41 -8.73
CA LEU A 36 6.23 -4.40 -10.16
C LEU A 36 4.96 -4.56 -11.00
N PHE A 37 3.80 -4.18 -10.46
CA PHE A 37 2.47 -4.44 -10.98
C PHE A 37 2.27 -5.95 -11.17
N TYR A 2 5.44 -7.78 1.61
CA TYR A 2 6.85 -7.94 1.30
C TYR A 2 7.69 -6.77 1.81
N LEU A 3 7.19 -6.05 2.82
CA LEU A 3 7.76 -4.86 3.41
C LEU A 3 6.94 -4.51 4.65
N SER A 4 7.62 -4.28 5.78
CA SER A 4 6.98 -3.91 7.05
C SER A 4 5.98 -2.77 6.84
N GLU A 5 4.91 -2.73 7.63
CA GLU A 5 3.84 -1.75 7.44
C GLU A 5 4.33 -0.31 7.60
N GLN A 6 5.52 -0.10 8.19
CA GLN A 6 6.21 1.17 8.23
C GLN A 6 6.98 1.44 6.93
N ASP A 7 7.81 0.48 6.48
CA ASP A 7 8.52 0.57 5.20
C ASP A 7 7.54 0.77 4.04
N PHE A 8 6.37 0.14 4.18
CA PHE A 8 5.20 0.25 3.33
C PHE A 8 4.86 1.71 3.19
N VAL A 9 4.59 2.41 4.29
CA VAL A 9 4.23 3.82 4.26
C VAL A 9 5.26 4.65 3.49
N SER A 10 6.55 4.27 3.54
CA SER A 10 7.57 4.99 2.78
C SER A 10 7.36 4.81 1.26
N VAL A 11 7.10 3.56 0.83
CA VAL A 11 6.97 3.17 -0.56
C VAL A 11 5.58 3.48 -1.14
N PHE A 12 4.53 3.42 -0.31
CA PHE A 12 3.13 3.54 -0.66
C PHE A 12 2.74 5.01 -0.60
N GLY A 13 3.28 5.74 0.38
CA GLY A 13 3.00 7.16 0.57
C GLY A 13 1.69 7.38 1.31
N ILE A 14 1.07 6.31 1.84
CA ILE A 14 -0.23 6.39 2.50
C ILE A 14 -0.27 5.45 3.71
N THR A 15 -0.94 5.92 4.76
CA THR A 15 -1.03 5.27 6.06
C THR A 15 -1.77 3.95 6.04
N ARG A 16 -1.49 3.17 7.09
CA ARG A 16 -2.18 1.96 7.49
C ARG A 16 -3.69 2.24 7.54
N GLY A 17 -4.05 3.38 8.14
CA GLY A 17 -5.42 3.80 8.32
C GLY A 17 -6.08 4.07 6.96
N GLN A 18 -5.45 4.92 6.14
CA GLN A 18 -5.98 5.28 4.84
C GLN A 18 -6.05 4.05 3.92
N PHE A 19 -5.06 3.17 3.99
CA PHE A 19 -5.00 1.99 3.15
C PHE A 19 -6.14 1.04 3.51
N ALA A 20 -6.36 0.79 4.80
CA ALA A 20 -7.46 -0.05 5.27
C ALA A 20 -8.82 0.58 4.95
N ALA A 21 -8.88 1.89 4.70
CA ALA A 21 -10.09 2.58 4.28
C ALA A 21 -10.31 2.44 2.78
N LEU A 22 -9.24 2.46 1.98
CA LEU A 22 -9.31 2.34 0.53
C LEU A 22 -9.92 0.98 0.15
N PRO A 23 -10.64 0.88 -0.98
CA PRO A 23 -11.21 -0.38 -1.45
C PRO A 23 -10.18 -1.50 -1.56
N GLY A 24 -10.61 -2.73 -1.28
CA GLY A 24 -9.79 -3.93 -1.37
C GLY A 24 -9.09 -4.08 -2.72
N TRP A 25 -9.73 -3.62 -3.80
CA TRP A 25 -9.12 -3.64 -5.12
C TRP A 25 -7.95 -2.67 -5.21
N LYS A 26 -8.15 -1.42 -4.79
CA LYS A 26 -7.10 -0.42 -4.82
C LYS A 26 -5.95 -0.94 -3.94
N GLN A 27 -6.29 -1.59 -2.82
CA GLN A 27 -5.30 -2.13 -1.90
C GLN A 27 -4.42 -3.15 -2.62
N LEU A 28 -5.04 -4.20 -3.16
CA LEU A 28 -4.33 -5.30 -3.81
C LEU A 28 -3.53 -4.78 -5.01
N GLN A 29 -4.09 -3.83 -5.75
CA GLN A 29 -3.43 -3.23 -6.90
C GLN A 29 -2.13 -2.54 -6.47
N MET A 30 -2.17 -1.68 -5.44
CA MET A 30 -0.97 -1.06 -4.92
C MET A 30 0.10 -2.08 -4.52
N LYS A 31 -0.28 -3.19 -3.87
CA LYS A 31 0.68 -4.22 -3.50
C LYS A 31 1.43 -4.74 -4.73
N LYS A 32 0.72 -5.16 -5.78
CA LYS A 32 1.36 -5.69 -6.98
C LYS A 32 2.12 -4.61 -7.77
N GLU A 33 1.65 -3.36 -7.73
CA GLU A 33 2.24 -2.25 -8.48
C GLU A 33 3.55 -1.83 -7.86
N LYS A 34 3.55 -1.52 -6.55
CA LYS A 34 4.77 -1.25 -5.79
C LYS A 34 5.67 -2.47 -5.81
N GLY A 35 5.08 -3.67 -5.94
CA GLY A 35 5.76 -4.92 -6.20
C GLY A 35 6.59 -4.83 -7.48
N LEU A 36 5.99 -5.17 -8.62
CA LEU A 36 6.70 -5.27 -9.90
C LEU A 36 5.76 -5.25 -11.11
N PHE A 37 4.58 -4.62 -11.00
CA PHE A 37 3.61 -4.51 -12.09
C PHE A 37 3.57 -3.08 -12.62
N TYR A 2 7.04 -8.85 2.88
CA TYR A 2 6.76 -8.09 1.67
C TYR A 2 5.80 -6.95 1.99
N LEU A 3 6.30 -5.70 1.83
CA LEU A 3 5.59 -4.49 2.18
C LEU A 3 5.05 -4.56 3.60
N SER A 4 6.00 -4.52 4.55
CA SER A 4 5.73 -4.34 5.96
C SER A 4 5.05 -2.99 6.10
N GLU A 5 3.97 -2.94 6.89
CA GLU A 5 3.07 -1.80 6.99
C GLU A 5 3.81 -0.46 7.14
N GLN A 6 4.96 -0.48 7.81
CA GLN A 6 5.79 0.71 8.02
C GLN A 6 6.63 1.04 6.79
N ASP A 7 7.30 0.04 6.19
CA ASP A 7 8.04 0.19 4.94
C ASP A 7 7.13 0.68 3.81
N PHE A 8 5.91 0.13 3.80
CA PHE A 8 4.80 0.52 2.98
C PHE A 8 4.57 2.01 3.16
N VAL A 9 4.33 2.49 4.39
CA VAL A 9 4.13 3.92 4.62
C VAL A 9 5.33 4.74 4.16
N SER A 10 6.55 4.21 4.28
CA SER A 10 7.75 4.92 3.83
C SER A 10 7.74 5.11 2.31
N VAL A 11 7.34 4.07 1.57
CA VAL A 11 7.33 4.04 0.11
C VAL A 11 6.09 4.74 -0.46
N PHE A 12 4.95 4.63 0.22
CA PHE A 12 3.65 5.08 -0.24
C PHE A 12 3.49 6.56 0.09
N GLY A 13 3.86 6.94 1.32
CA GLY A 13 3.64 8.28 1.83
C GLY A 13 2.21 8.45 2.33
N ILE A 14 1.47 7.34 2.54
CA ILE A 14 0.14 7.40 3.14
C ILE A 14 0.21 6.78 4.54
N THR A 15 -0.93 6.36 5.09
CA THR A 15 -1.04 5.66 6.36
C THR A 15 -1.73 4.32 6.22
N ARG A 16 -1.44 3.48 7.22
CA ARG A 16 -2.07 2.22 7.49
C ARG A 16 -3.59 2.39 7.62
N GLY A 17 -3.99 3.50 8.25
CA GLY A 17 -5.39 3.86 8.44
C GLY A 17 -6.07 4.08 7.08
N GLN A 18 -5.51 4.97 6.26
CA GLN A 18 -6.07 5.28 4.95
C GLN A 18 -6.04 4.04 4.05
N PHE A 19 -4.93 3.28 4.07
CA PHE A 19 -4.79 2.04 3.34
C PHE A 19 -5.89 1.05 3.71
N ALA A 20 -6.17 0.88 5.00
CA ALA A 20 -7.24 -0.01 5.46
C ALA A 20 -8.63 0.50 5.05
N ALA A 21 -8.76 1.80 4.73
CA ALA A 21 -9.98 2.40 4.23
C ALA A 21 -10.08 2.27 2.70
N LEU A 22 -8.95 2.22 1.99
CA LEU A 22 -8.93 2.03 0.54
C LEU A 22 -9.59 0.68 0.21
N PRO A 23 -10.32 0.56 -0.91
CA PRO A 23 -10.93 -0.71 -1.30
C PRO A 23 -9.89 -1.84 -1.36
N GLY A 24 -10.28 -3.05 -0.97
CA GLY A 24 -9.40 -4.21 -0.98
C GLY A 24 -8.74 -4.46 -2.34
N TRP A 25 -9.44 -4.12 -3.43
CA TRP A 25 -8.86 -4.19 -4.76
C TRP A 25 -7.73 -3.18 -4.91
N LYS A 26 -7.97 -1.91 -4.55
CA LYS A 26 -6.98 -0.88 -4.68
C LYS A 26 -5.78 -1.26 -3.80
N GLN A 27 -6.05 -1.90 -2.65
CA GLN A 27 -5.00 -2.34 -1.74
C GLN A 27 -4.10 -3.37 -2.41
N LEU A 28 -4.69 -4.45 -2.95
CA LEU A 28 -3.94 -5.52 -3.58
C LEU A 28 -3.21 -5.02 -4.83
N GLN A 29 -3.88 -4.17 -5.61
CA GLN A 29 -3.35 -3.53 -6.81
C GLN A 29 -2.09 -2.74 -6.48
N MET A 30 -2.19 -1.82 -5.51
CA MET A 30 -1.07 -0.95 -5.14
C MET A 30 0.14 -1.76 -4.69
N LYS A 31 -0.07 -2.80 -3.87
CA LYS A 31 1.00 -3.67 -3.43
C LYS A 31 1.72 -4.30 -4.63
N LYS A 32 0.99 -4.88 -5.58
CA LYS A 32 1.62 -5.52 -6.74
C LYS A 32 2.23 -4.50 -7.71
N GLU A 33 1.67 -3.28 -7.78
CA GLU A 33 2.21 -2.20 -8.60
C GLU A 33 3.59 -1.77 -8.08
N LYS A 34 3.67 -1.48 -6.77
CA LYS A 34 4.96 -1.22 -6.12
C LYS A 34 5.91 -2.41 -6.27
N GLY A 35 5.35 -3.63 -6.40
CA GLY A 35 6.08 -4.82 -6.78
C GLY A 35 6.66 -4.65 -8.19
N LEU A 36 5.91 -5.06 -9.22
CA LEU A 36 6.36 -5.03 -10.61
C LEU A 36 5.19 -5.19 -11.60
N PHE A 37 3.96 -4.83 -11.20
CA PHE A 37 2.78 -4.96 -12.04
C PHE A 37 2.57 -3.69 -12.87
N TYR A 2 4.44 -6.85 1.79
CA TYR A 2 5.77 -7.41 1.46
C TYR A 2 6.89 -6.46 1.93
N LEU A 3 6.61 -5.62 2.94
CA LEU A 3 7.45 -4.57 3.47
C LEU A 3 6.75 -4.00 4.70
N SER A 4 7.46 -3.89 5.82
CA SER A 4 6.93 -3.43 7.11
C SER A 4 6.12 -2.16 6.91
N GLU A 5 4.97 -2.06 7.58
CA GLU A 5 3.99 -1.00 7.30
C GLU A 5 4.54 0.42 7.51
N GLN A 6 5.65 0.55 8.22
CA GLN A 6 6.39 1.81 8.33
C GLN A 6 7.27 2.04 7.09
N ASP A 7 8.05 1.04 6.68
CA ASP A 7 8.84 1.04 5.45
C ASP A 7 7.95 1.23 4.21
N PHE A 8 6.72 0.71 4.30
CA PHE A 8 5.63 0.79 3.35
C PHE A 8 5.31 2.25 3.12
N VAL A 9 5.04 3.02 4.19
CA VAL A 9 4.73 4.43 4.08
C VAL A 9 5.80 5.19 3.29
N SER A 10 7.07 4.77 3.41
CA SER A 10 8.16 5.41 2.68
C SER A 10 8.03 5.21 1.15
N VAL A 11 7.49 4.06 0.74
CA VAL A 11 7.38 3.63 -0.65
C VAL A 11 5.99 3.95 -1.23
N PHE A 12 4.94 3.90 -0.40
CA PHE A 12 3.54 4.03 -0.77
C PHE A 12 3.17 5.51 -0.78
N GLY A 13 3.65 6.26 0.20
CA GLY A 13 3.36 7.67 0.35
C GLY A 13 2.02 7.88 1.05
N ILE A 14 1.41 6.81 1.58
CA ILE A 14 0.13 6.90 2.28
C ILE A 14 0.15 6.00 3.52
N THR A 15 -0.52 6.47 4.59
CA THR A 15 -0.56 5.79 5.87
C THR A 15 -1.30 4.46 5.82
N ARG A 16 -0.98 3.66 6.84
CA ARG A 16 -1.63 2.43 7.21
C ARG A 16 -3.14 2.65 7.36
N GLY A 17 -3.50 3.80 7.97
CA GLY A 17 -4.87 4.22 8.16
C GLY A 17 -5.57 4.45 6.82
N GLN A 18 -4.98 5.30 5.97
CA GLN A 18 -5.54 5.59 4.65
C GLN A 18 -5.67 4.31 3.82
N PHE A 19 -4.62 3.49 3.81
CA PHE A 19 -4.56 2.28 3.01
C PHE A 19 -5.67 1.32 3.44
N ALA A 20 -5.84 1.10 4.74
CA ALA A 20 -6.88 0.23 5.26
C ALA A 20 -8.29 0.79 5.00
N ALA A 21 -8.41 2.10 4.73
CA ALA A 21 -9.67 2.75 4.38
C ALA A 21 -9.95 2.64 2.88
N LEU A 22 -8.91 2.69 2.04
CA LEU A 22 -9.03 2.62 0.59
C LEU A 22 -9.65 1.27 0.18
N PRO A 23 -10.38 1.19 -0.94
CA PRO A 23 -10.96 -0.05 -1.43
C PRO A 23 -9.92 -1.17 -1.56
N GLY A 24 -10.34 -2.41 -1.29
CA GLY A 24 -9.49 -3.59 -1.40
C GLY A 24 -8.81 -3.72 -2.75
N TRP A 25 -9.48 -3.26 -3.83
CA TRP A 25 -8.86 -3.23 -5.14
C TRP A 25 -7.75 -2.21 -5.19
N LYS A 26 -7.99 -0.98 -4.75
CA LYS A 26 -6.99 0.07 -4.82
C LYS A 26 -5.80 -0.38 -3.94
N GLN A 27 -6.07 -1.10 -2.85
CA GLN A 27 -5.04 -1.65 -1.98
C GLN A 27 -4.14 -2.60 -2.75
N LEU A 28 -4.73 -3.65 -3.34
CA LEU A 28 -3.98 -4.68 -4.06
C LEU A 28 -3.26 -4.09 -5.27
N GLN A 29 -3.92 -3.15 -5.96
CA GLN A 29 -3.38 -2.40 -7.07
C GLN A 29 -2.08 -1.70 -6.65
N MET A 30 -2.10 -0.92 -5.56
CA MET A 30 -0.92 -0.25 -5.05
C MET A 30 0.18 -1.23 -4.66
N LYS A 31 -0.15 -2.35 -4.03
CA LYS A 31 0.85 -3.36 -3.67
C LYS A 31 1.59 -3.85 -4.92
N LYS A 32 0.86 -4.24 -5.97
CA LYS A 32 1.44 -4.65 -7.23
C LYS A 32 2.27 -3.54 -7.87
N GLU A 33 1.75 -2.29 -7.87
CA GLU A 33 2.37 -1.16 -8.55
C GLU A 33 3.68 -0.76 -7.90
N LYS A 34 3.67 -0.51 -6.59
CA LYS A 34 4.87 -0.27 -5.79
C LYS A 34 5.82 -1.46 -5.89
N GLY A 35 5.28 -2.66 -6.11
CA GLY A 35 6.03 -3.85 -6.46
C GLY A 35 6.74 -3.65 -7.80
N LEU A 36 6.09 -4.03 -8.90
CA LEU A 36 6.65 -3.98 -10.25
C LEU A 36 5.59 -4.16 -11.33
N PHE A 37 4.32 -3.80 -11.07
CA PHE A 37 3.23 -4.01 -12.01
C PHE A 37 2.09 -3.04 -11.70
N TYR A 2 7.91 -9.74 3.70
CA TYR A 2 8.45 -8.46 3.27
C TYR A 2 7.47 -7.31 3.52
N LEU A 3 7.91 -6.07 3.24
CA LEU A 3 7.13 -4.85 3.40
C LEU A 3 6.61 -4.68 4.83
N SER A 4 7.45 -4.11 5.71
CA SER A 4 6.99 -3.69 7.02
C SER A 4 5.98 -2.57 6.82
N GLU A 5 4.98 -2.48 7.69
CA GLU A 5 3.87 -1.56 7.55
C GLU A 5 4.35 -0.11 7.39
N GLN A 6 5.51 0.21 7.97
CA GLN A 6 6.11 1.53 7.89
C GLN A 6 6.87 1.76 6.57
N ASP A 7 7.72 0.82 6.15
CA ASP A 7 8.40 0.89 4.84
C ASP A 7 7.40 0.92 3.69
N PHE A 8 6.34 0.14 3.86
CA PHE A 8 5.14 0.12 3.05
C PHE A 8 4.66 1.54 2.90
N VAL A 9 4.34 2.24 4.00
CA VAL A 9 3.93 3.64 3.94
C VAL A 9 4.94 4.52 3.20
N SER A 10 6.25 4.27 3.37
CA SER A 10 7.27 5.06 2.70
C SER A 10 7.19 4.88 1.16
N VAL A 11 6.97 3.64 0.71
CA VAL A 11 6.93 3.24 -0.69
C VAL A 11 5.56 3.50 -1.32
N PHE A 12 4.49 3.41 -0.53
CA PHE A 12 3.11 3.43 -0.98
C PHE A 12 2.67 4.88 -1.12
N GLY A 13 3.10 5.73 -0.18
CA GLY A 13 2.78 7.14 -0.19
C GLY A 13 1.39 7.38 0.41
N ILE A 14 0.93 6.44 1.25
CA ILE A 14 -0.32 6.58 2.00
C ILE A 14 -0.05 6.19 3.45
N THR A 15 -1.10 6.04 4.27
CA THR A 15 -1.04 5.46 5.60
C THR A 15 -1.77 4.14 5.70
N ARG A 16 -1.36 3.39 6.72
CA ARG A 16 -1.98 2.17 7.18
C ARG A 16 -3.48 2.40 7.41
N GLY A 17 -3.81 3.58 7.97
CA GLY A 17 -5.18 3.99 8.24
C GLY A 17 -5.97 4.15 6.94
N GLN A 18 -5.46 4.97 6.02
CA GLN A 18 -6.09 5.20 4.72
C GLN A 18 -6.23 3.88 3.95
N PHE A 19 -5.18 3.06 3.94
CA PHE A 19 -5.14 1.81 3.21
C PHE A 19 -6.27 0.88 3.67
N ALA A 20 -6.42 0.74 4.99
CA ALA A 20 -7.47 -0.10 5.57
C ALA A 20 -8.88 0.44 5.28
N ALA A 21 -9.01 1.72 4.90
CA ALA A 21 -10.27 2.34 4.51
C ALA A 21 -10.52 2.18 3.01
N LEU A 22 -9.45 2.22 2.20
CA LEU A 22 -9.55 2.15 0.74
C LEU A 22 -10.15 0.79 0.32
N PRO A 23 -10.85 0.71 -0.83
CA PRO A 23 -11.40 -0.53 -1.35
C PRO A 23 -10.34 -1.63 -1.45
N GLY A 24 -10.73 -2.88 -1.21
CA GLY A 24 -9.87 -4.05 -1.30
C GLY A 24 -9.18 -4.15 -2.66
N TRP A 25 -9.84 -3.69 -3.73
CA TRP A 25 -9.22 -3.65 -5.05
C TRP A 25 -8.09 -2.62 -5.07
N LYS A 26 -8.34 -1.39 -4.63
CA LYS A 26 -7.32 -0.35 -4.68
C LYS A 26 -6.15 -0.80 -3.80
N GLN A 27 -6.43 -1.53 -2.71
CA GLN A 27 -5.41 -2.08 -1.83
C GLN A 27 -4.50 -3.04 -2.60
N LEU A 28 -5.10 -4.09 -3.20
CA LEU A 28 -4.36 -5.12 -3.91
C LEU A 28 -3.64 -4.54 -5.13
N GLN A 29 -4.29 -3.60 -5.82
CA GLN A 29 -3.75 -2.85 -6.93
C GLN A 29 -2.43 -2.19 -6.53
N MET A 30 -2.43 -1.41 -5.43
CA MET A 30 -1.21 -0.77 -4.94
C MET A 30 -0.15 -1.79 -4.54
N LYS A 31 -0.52 -2.89 -3.88
CA LYS A 31 0.44 -3.94 -3.54
C LYS A 31 1.16 -4.45 -4.79
N LYS A 32 0.41 -4.85 -5.83
CA LYS A 32 1.00 -5.26 -7.09
C LYS A 32 1.85 -4.17 -7.71
N GLU A 33 1.34 -2.93 -7.76
CA GLU A 33 1.96 -1.84 -8.51
C GLU A 33 3.31 -1.45 -7.90
N LYS A 34 3.33 -1.17 -6.59
CA LYS A 34 4.56 -0.91 -5.85
C LYS A 34 5.49 -2.13 -5.91
N GLY A 35 4.91 -3.33 -5.97
CA GLY A 35 5.62 -4.57 -6.24
C GLY A 35 6.34 -4.55 -7.58
N LEU A 36 5.64 -4.95 -8.65
CA LEU A 36 6.19 -5.18 -9.98
C LEU A 36 5.08 -5.14 -11.04
N PHE A 37 4.18 -4.16 -10.89
CA PHE A 37 3.00 -3.88 -11.70
C PHE A 37 1.81 -4.74 -11.26
N TYR A 2 5.50 -9.26 2.33
CA TYR A 2 5.67 -8.31 1.23
C TYR A 2 5.25 -6.91 1.69
N LEU A 3 6.25 -6.03 1.87
CA LEU A 3 6.09 -4.65 2.28
C LEU A 3 5.38 -4.53 3.63
N SER A 4 6.17 -4.42 4.70
CA SER A 4 5.64 -4.08 6.03
C SER A 4 4.96 -2.72 5.93
N GLU A 5 3.90 -2.50 6.71
CA GLU A 5 3.12 -1.28 6.63
C GLU A 5 3.97 -0.03 6.90
N GLN A 6 5.08 -0.18 7.62
CA GLN A 6 6.00 0.90 7.92
C GLN A 6 6.91 1.18 6.72
N ASP A 7 7.54 0.13 6.15
CA ASP A 7 8.37 0.24 4.95
C ASP A 7 7.53 0.81 3.80
N PHE A 8 6.27 0.38 3.74
CA PHE A 8 5.23 0.84 2.86
C PHE A 8 5.07 2.33 3.07
N VAL A 9 4.72 2.80 4.27
CA VAL A 9 4.56 4.24 4.54
C VAL A 9 5.78 5.04 4.08
N SER A 10 6.99 4.50 4.26
CA SER A 10 8.22 5.19 3.86
C SER A 10 8.24 5.48 2.35
N VAL A 11 7.70 4.56 1.54
CA VAL A 11 7.73 4.57 0.08
C VAL A 11 6.43 5.13 -0.52
N PHE A 12 5.29 4.91 0.13
CA PHE A 12 3.95 5.15 -0.37
C PHE A 12 3.52 6.56 0.02
N GLY A 13 3.89 6.98 1.24
CA GLY A 13 3.55 8.31 1.73
C GLY A 13 2.13 8.36 2.27
N ILE A 14 1.43 7.21 2.35
CA ILE A 14 0.08 7.15 2.91
C ILE A 14 0.03 6.14 4.05
N THR A 15 -0.71 6.51 5.10
CA THR A 15 -0.83 5.75 6.34
C THR A 15 -1.54 4.42 6.16
N ARG A 16 -1.26 3.55 7.14
CA ARG A 16 -1.93 2.29 7.39
C ARG A 16 -3.44 2.50 7.50
N GLY A 17 -3.82 3.59 8.16
CA GLY A 17 -5.20 4.01 8.31
C GLY A 17 -5.84 4.28 6.95
N GLN A 18 -5.23 5.15 6.14
CA GLN A 18 -5.79 5.51 4.84
C GLN A 18 -5.79 4.30 3.90
N PHE A 19 -4.72 3.49 3.93
CA PHE A 19 -4.64 2.25 3.17
C PHE A 19 -5.79 1.31 3.53
N ALA A 20 -6.03 1.09 4.83
CA ALA A 20 -7.12 0.24 5.29
C ALA A 20 -8.51 0.83 4.97
N ALA A 21 -8.58 2.15 4.71
CA ALA A 21 -9.82 2.80 4.28
C ALA A 21 -10.02 2.66 2.77
N LEU A 22 -8.93 2.68 1.99
CA LEU A 22 -8.97 2.51 0.54
C LEU A 22 -9.53 1.12 0.23
N PRO A 23 -10.27 0.92 -0.89
CA PRO A 23 -10.79 -0.38 -1.28
C PRO A 23 -9.70 -1.45 -1.34
N GLY A 24 -10.05 -2.69 -0.97
CA GLY A 24 -9.16 -3.84 -1.02
C GLY A 24 -8.49 -4.01 -2.39
N TRP A 25 -9.19 -3.65 -3.48
CA TRP A 25 -8.61 -3.68 -4.81
C TRP A 25 -7.52 -2.64 -4.96
N LYS A 26 -7.79 -1.39 -4.59
CA LYS A 26 -6.83 -0.31 -4.74
C LYS A 26 -5.62 -0.65 -3.87
N GLN A 27 -5.86 -1.30 -2.71
CA GLN A 27 -4.80 -1.72 -1.79
C GLN A 27 -3.86 -2.71 -2.48
N LEU A 28 -4.43 -3.83 -2.96
CA LEU A 28 -3.68 -4.91 -3.57
C LEU A 28 -2.96 -4.42 -4.83
N GLN A 29 -3.63 -3.57 -5.62
CA GLN A 29 -3.04 -2.96 -6.79
C GLN A 29 -1.79 -2.15 -6.41
N MET A 30 -1.93 -1.22 -5.47
CA MET A 30 -0.85 -0.34 -5.04
C MET A 30 0.38 -1.12 -4.55
N LYS A 31 0.16 -2.19 -3.76
CA LYS A 31 1.24 -3.07 -3.34
C LYS A 31 2.01 -3.61 -4.55
N LYS A 32 1.32 -4.23 -5.51
CA LYS A 32 1.92 -4.79 -6.71
C LYS A 32 2.58 -3.73 -7.61
N GLU A 33 2.01 -2.52 -7.65
CA GLU A 33 2.47 -1.43 -8.53
C GLU A 33 3.85 -0.96 -8.13
N LYS A 34 4.10 -0.70 -6.83
CA LYS A 34 5.45 -0.42 -6.34
C LYS A 34 6.39 -1.59 -6.63
N GLY A 35 5.86 -2.81 -6.69
CA GLY A 35 6.56 -3.98 -7.16
C GLY A 35 6.95 -3.80 -8.64
N LEU A 36 6.07 -4.26 -9.54
CA LEU A 36 6.30 -4.19 -10.99
C LEU A 36 5.02 -4.51 -11.78
N PHE A 37 3.82 -4.30 -11.20
CA PHE A 37 2.58 -4.71 -11.82
C PHE A 37 1.42 -3.91 -11.23
N TYR A 2 7.48 -9.26 3.01
CA TYR A 2 7.07 -8.40 1.90
C TYR A 2 6.48 -7.10 2.46
N LEU A 3 7.25 -6.01 2.37
CA LEU A 3 6.84 -4.66 2.68
C LEU A 3 6.36 -4.50 4.13
N SER A 4 7.28 -4.12 5.03
CA SER A 4 6.91 -3.71 6.38
C SER A 4 6.08 -2.45 6.27
N GLU A 5 5.03 -2.33 7.08
CA GLU A 5 4.02 -1.28 6.94
C GLU A 5 4.62 0.14 7.04
N GLN A 6 5.81 0.26 7.63
CA GLN A 6 6.53 1.51 7.71
C GLN A 6 7.26 1.81 6.39
N ASP A 7 7.99 0.83 5.83
CA ASP A 7 8.66 0.95 4.53
C ASP A 7 7.62 1.21 3.44
N PHE A 8 6.50 0.51 3.55
CA PHE A 8 5.28 0.67 2.79
C PHE A 8 4.90 2.12 2.84
N VAL A 9 4.62 2.70 4.01
CA VAL A 9 4.30 4.13 4.13
C VAL A 9 5.33 5.01 3.43
N SER A 10 6.63 4.67 3.52
CA SER A 10 7.68 5.48 2.91
C SER A 10 7.58 5.50 1.38
N VAL A 11 7.09 4.41 0.78
CA VAL A 11 7.03 4.18 -0.67
C VAL A 11 5.63 4.46 -1.23
N PHE A 12 4.60 4.28 -0.41
CA PHE A 12 3.18 4.38 -0.75
C PHE A 12 2.77 5.83 -0.67
N GLY A 13 3.18 6.50 0.43
CA GLY A 13 2.78 7.86 0.71
C GLY A 13 1.41 7.89 1.36
N ILE A 14 0.90 6.74 1.82
CA ILE A 14 -0.40 6.66 2.48
C ILE A 14 -0.32 5.72 3.68
N THR A 15 -1.01 6.11 4.75
CA THR A 15 -1.03 5.40 6.03
C THR A 15 -1.72 4.06 5.97
N ARG A 16 -1.41 3.25 6.99
CA ARG A 16 -2.02 1.98 7.29
C ARG A 16 -3.53 2.19 7.44
N GLY A 17 -3.91 3.29 8.10
CA GLY A 17 -5.29 3.65 8.35
C GLY A 17 -6.01 3.97 7.05
N GLN A 18 -5.44 4.89 6.26
CA GLN A 18 -6.02 5.32 5.00
C GLN A 18 -6.07 4.15 4.01
N PHE A 19 -5.03 3.30 3.99
CA PHE A 19 -4.96 2.14 3.13
C PHE A 19 -6.10 1.17 3.47
N ALA A 20 -6.28 0.88 4.77
CA ALA A 20 -7.35 0.00 5.22
C ALA A 20 -8.74 0.60 4.97
N ALA A 21 -8.84 1.92 4.77
CA ALA A 21 -10.08 2.60 4.41
C ALA A 21 -10.32 2.54 2.90
N LEU A 22 -9.26 2.60 2.09
CA LEU A 22 -9.35 2.55 0.63
C LEU A 22 -9.97 1.20 0.20
N PRO A 23 -10.66 1.14 -0.95
CA PRO A 23 -11.23 -0.11 -1.47
C PRO A 23 -10.20 -1.24 -1.59
N GLY A 24 -10.64 -2.47 -1.35
CA GLY A 24 -9.83 -3.68 -1.46
C GLY A 24 -9.09 -3.77 -2.78
N TRP A 25 -9.70 -3.28 -3.87
CA TRP A 25 -9.06 -3.26 -5.18
C TRP A 25 -7.89 -2.27 -5.20
N LYS A 26 -8.09 -1.04 -4.75
CA LYS A 26 -7.05 -0.03 -4.75
C LYS A 26 -5.92 -0.53 -3.84
N GLN A 27 -6.27 -1.24 -2.76
CA GLN A 27 -5.31 -1.80 -1.81
C GLN A 27 -4.40 -2.81 -2.53
N LEU A 28 -5.02 -3.84 -3.13
CA LEU A 28 -4.29 -4.91 -3.77
C LEU A 28 -3.47 -4.37 -4.94
N GLN A 29 -4.04 -3.42 -5.69
CA GLN A 29 -3.35 -2.75 -6.79
C GLN A 29 -2.07 -2.09 -6.29
N MET A 30 -2.16 -1.23 -5.27
CA MET A 30 -1.02 -0.54 -4.70
C MET A 30 0.08 -1.51 -4.27
N LYS A 31 -0.27 -2.61 -3.60
CA LYS A 31 0.70 -3.62 -3.21
C LYS A 31 1.48 -4.16 -4.41
N LYS A 32 0.78 -4.58 -5.48
CA LYS A 32 1.45 -5.04 -6.68
C LYS A 32 2.28 -3.94 -7.33
N GLU A 33 1.73 -2.73 -7.45
CA GLU A 33 2.30 -1.65 -8.23
C GLU A 33 3.60 -1.14 -7.62
N LYS A 34 3.59 -0.85 -6.32
CA LYS A 34 4.81 -0.48 -5.60
C LYS A 34 5.79 -1.66 -5.58
N GLY A 35 5.27 -2.90 -5.61
CA GLY A 35 6.03 -4.11 -5.81
C GLY A 35 6.77 -4.10 -7.15
N LEU A 36 6.11 -4.60 -8.20
CA LEU A 36 6.69 -4.87 -9.51
C LEU A 36 5.60 -4.89 -10.59
N PHE A 37 4.65 -3.95 -10.50
CA PHE A 37 3.47 -3.75 -11.34
C PHE A 37 2.34 -4.72 -10.93
N TYR A 2 4.97 -7.10 1.44
CA TYR A 2 6.34 -7.50 1.10
C TYR A 2 7.37 -6.46 1.59
N LEU A 3 7.02 -5.69 2.61
CA LEU A 3 7.76 -4.56 3.15
C LEU A 3 7.01 -4.09 4.40
N SER A 4 7.72 -3.93 5.53
CA SER A 4 7.14 -3.56 6.81
C SER A 4 6.26 -2.32 6.67
N GLU A 5 5.22 -2.23 7.49
CA GLU A 5 4.16 -1.22 7.42
C GLU A 5 4.74 0.21 7.44
N GLN A 6 5.91 0.36 8.05
CA GLN A 6 6.64 1.61 8.10
C GLN A 6 7.42 1.89 6.79
N ASP A 7 8.20 0.91 6.31
CA ASP A 7 8.89 1.00 5.01
C ASP A 7 7.90 1.23 3.87
N PHE A 8 6.75 0.55 3.99
CA PHE A 8 5.57 0.67 3.17
C PHE A 8 5.19 2.12 3.08
N VAL A 9 4.97 2.81 4.20
CA VAL A 9 4.63 4.23 4.18
C VAL A 9 5.65 5.06 3.40
N SER A 10 6.94 4.67 3.43
CA SER A 10 7.95 5.40 2.65
C SER A 10 7.74 5.22 1.14
N VAL A 11 7.43 3.98 0.72
CA VAL A 11 7.28 3.58 -0.68
C VAL A 11 5.88 3.93 -1.23
N PHE A 12 4.86 3.91 -0.38
CA PHE A 12 3.45 4.06 -0.72
C PHE A 12 3.10 5.54 -0.69
N GLY A 13 3.62 6.26 0.32
CA GLY A 13 3.37 7.67 0.51
C GLY A 13 2.04 7.90 1.23
N ILE A 14 1.43 6.83 1.77
CA ILE A 14 0.15 6.92 2.48
C ILE A 14 0.15 5.98 3.68
N THR A 15 -0.52 6.42 4.75
CA THR A 15 -0.57 5.74 6.02
C THR A 15 -1.31 4.41 5.98
N ARG A 16 -1.00 3.61 7.00
CA ARG A 16 -1.69 2.36 7.34
C ARG A 16 -3.18 2.64 7.47
N GLY A 17 -3.52 3.76 8.11
CA GLY A 17 -4.88 4.20 8.34
C GLY A 17 -5.58 4.49 7.01
N GLN A 18 -4.98 5.35 6.18
CA GLN A 18 -5.60 5.73 4.91
C GLN A 18 -5.67 4.53 3.96
N PHE A 19 -4.65 3.66 3.97
CA PHE A 19 -4.63 2.47 3.15
C PHE A 19 -5.78 1.54 3.54
N ALA A 20 -5.96 1.28 4.84
CA ALA A 20 -7.05 0.46 5.34
C ALA A 20 -8.43 1.09 5.07
N ALA A 21 -8.49 2.41 4.83
CA ALA A 21 -9.71 3.12 4.48
C ALA A 21 -9.99 3.00 2.98
N LEU A 22 -8.94 3.02 2.14
CA LEU A 22 -9.06 2.93 0.69
C LEU A 22 -9.69 1.58 0.32
N PRO A 23 -10.45 1.49 -0.79
CA PRO A 23 -11.06 0.25 -1.25
C PRO A 23 -10.05 -0.88 -1.39
N GLY A 24 -10.48 -2.12 -1.11
CA GLY A 24 -9.67 -3.33 -1.24
C GLY A 24 -9.00 -3.46 -2.61
N TRP A 25 -9.67 -2.99 -3.67
CA TRP A 25 -9.10 -3.00 -5.01
C TRP A 25 -7.94 -2.00 -5.11
N LYS A 26 -8.14 -0.76 -4.67
CA LYS A 26 -7.09 0.23 -4.73
C LYS A 26 -5.91 -0.27 -3.88
N GLN A 27 -6.21 -0.94 -2.76
CA GLN A 27 -5.19 -1.49 -1.87
C GLN A 27 -4.32 -2.49 -2.63
N LEU A 28 -4.95 -3.53 -3.18
CA LEU A 28 -4.26 -4.62 -3.86
C LEU A 28 -3.50 -4.08 -5.07
N GLN A 29 -4.10 -3.13 -5.79
CA GLN A 29 -3.46 -2.48 -6.93
C GLN A 29 -2.14 -1.83 -6.50
N MET A 30 -2.17 -0.97 -5.46
CA MET A 30 -0.98 -0.32 -4.95
C MET A 30 0.12 -1.32 -4.57
N LYS A 31 -0.21 -2.46 -3.95
CA LYS A 31 0.79 -3.48 -3.64
C LYS A 31 1.54 -3.90 -4.92
N LYS A 32 0.80 -4.30 -5.95
CA LYS A 32 1.36 -4.70 -7.23
C LYS A 32 2.19 -3.58 -7.86
N GLU A 33 1.64 -2.36 -7.90
CA GLU A 33 2.20 -1.21 -8.59
C GLU A 33 3.52 -0.77 -7.95
N LYS A 34 3.53 -0.56 -6.63
CA LYS A 34 4.75 -0.27 -5.87
C LYS A 34 5.76 -1.42 -6.03
N GLY A 35 5.27 -2.64 -6.26
CA GLY A 35 6.09 -3.77 -6.65
C GLY A 35 6.70 -3.50 -8.03
N LEU A 36 6.01 -3.89 -9.09
CA LEU A 36 6.44 -3.70 -10.48
C LEU A 36 5.33 -4.06 -11.49
N PHE A 37 4.05 -3.93 -11.09
CA PHE A 37 2.91 -4.36 -11.88
C PHE A 37 1.76 -3.39 -11.62
N TYR A 2 4.97 -9.43 1.12
CA TYR A 2 5.95 -8.36 1.27
C TYR A 2 5.29 -7.03 1.61
N LEU A 3 6.09 -5.94 1.64
CA LEU A 3 5.66 -4.60 2.02
C LEU A 3 5.01 -4.61 3.40
N SER A 4 5.86 -4.66 4.44
CA SER A 4 5.46 -4.44 5.82
C SER A 4 4.81 -3.06 5.89
N GLU A 5 3.71 -2.93 6.63
CA GLU A 5 2.88 -1.73 6.59
C GLU A 5 3.66 -0.46 6.98
N GLN A 6 4.76 -0.61 7.72
CA GLN A 6 5.65 0.48 8.07
C GLN A 6 6.59 0.84 6.91
N ASP A 7 7.24 -0.15 6.30
CA ASP A 7 8.09 0.02 5.11
C ASP A 7 7.26 0.63 3.97
N PHE A 8 6.01 0.18 3.88
CA PHE A 8 4.97 0.68 3.02
C PHE A 8 4.81 2.17 3.29
N VAL A 9 4.51 2.61 4.52
CA VAL A 9 4.41 4.02 4.83
C VAL A 9 5.66 4.80 4.39
N SER A 10 6.85 4.20 4.51
CA SER A 10 8.08 4.87 4.09
C SER A 10 8.10 5.11 2.58
N VAL A 11 7.62 4.14 1.79
CA VAL A 11 7.62 4.15 0.32
C VAL A 11 6.41 4.91 -0.24
N PHE A 12 5.27 4.86 0.45
CA PHE A 12 3.97 5.32 0.00
C PHE A 12 3.75 6.74 0.46
N GLY A 13 3.99 6.99 1.75
CA GLY A 13 3.64 8.24 2.38
C GLY A 13 2.17 8.27 2.81
N ILE A 14 1.46 7.12 2.73
CA ILE A 14 0.08 7.02 3.21
C ILE A 14 -0.02 6.02 4.34
N THR A 15 -0.84 6.36 5.33
CA THR A 15 -1.02 5.60 6.56
C THR A 15 -1.72 4.27 6.35
N ARG A 16 -1.47 3.40 7.34
CA ARG A 16 -2.13 2.14 7.58
C ARG A 16 -3.64 2.31 7.62
N GLY A 17 -4.07 3.42 8.24
CA GLY A 17 -5.47 3.81 8.32
C GLY A 17 -6.04 4.06 6.92
N GLN A 18 -5.38 4.91 6.13
CA GLN A 18 -5.88 5.24 4.79
C GLN A 18 -5.87 4.00 3.89
N PHE A 19 -4.79 3.20 3.93
CA PHE A 19 -4.73 1.94 3.22
C PHE A 19 -5.89 1.02 3.59
N ALA A 20 -6.17 0.86 4.88
CA ALA A 20 -7.28 0.02 5.34
C ALA A 20 -8.64 0.60 4.95
N ALA A 21 -8.72 1.91 4.65
CA ALA A 21 -9.92 2.57 4.18
C ALA A 21 -10.09 2.40 2.67
N LEU A 22 -8.97 2.38 1.92
CA LEU A 22 -8.97 2.19 0.47
C LEU A 22 -9.58 0.81 0.17
N PRO A 23 -10.34 0.64 -0.93
CA PRO A 23 -10.91 -0.64 -1.31
C PRO A 23 -9.85 -1.75 -1.40
N GLY A 24 -10.23 -2.97 -1.02
CA GLY A 24 -9.36 -4.15 -1.07
C GLY A 24 -8.70 -4.34 -2.44
N TRP A 25 -9.40 -3.98 -3.52
CA TRP A 25 -8.83 -4.03 -4.85
C TRP A 25 -7.72 -3.00 -5.01
N LYS A 26 -7.96 -1.75 -4.63
CA LYS A 26 -6.96 -0.71 -4.75
C LYS A 26 -5.75 -1.13 -3.89
N GLN A 27 -6.02 -1.74 -2.72
CA GLN A 27 -4.97 -2.17 -1.80
C GLN A 27 -4.05 -3.17 -2.49
N LEU A 28 -4.64 -4.27 -3.01
CA LEU A 28 -3.89 -5.34 -3.64
C LEU A 28 -3.17 -4.84 -4.89
N GLN A 29 -3.81 -3.93 -5.64
CA GLN A 29 -3.22 -3.37 -6.84
C GLN A 29 -1.95 -2.60 -6.49
N MET A 30 -2.01 -1.65 -5.53
CA MET A 30 -0.85 -0.88 -5.10
C MET A 30 0.32 -1.76 -4.66
N LYS A 31 0.05 -2.80 -3.87
CA LYS A 31 1.07 -3.76 -3.45
C LYS A 31 1.83 -4.28 -4.68
N LYS A 32 1.11 -4.83 -5.66
CA LYS A 32 1.69 -5.40 -6.87
C LYS A 32 2.37 -4.34 -7.75
N GLU A 33 1.80 -3.13 -7.82
CA GLU A 33 2.29 -2.05 -8.67
C GLU A 33 3.65 -1.56 -8.19
N LYS A 34 3.82 -1.34 -6.88
CA LYS A 34 5.13 -1.06 -6.30
C LYS A 34 6.12 -2.18 -6.59
N GLY A 35 5.63 -3.41 -6.76
CA GLY A 35 6.41 -4.53 -7.26
C GLY A 35 6.75 -4.29 -8.74
N LEU A 36 5.90 -4.80 -9.64
CA LEU A 36 6.10 -4.73 -11.07
C LEU A 36 4.84 -5.09 -11.87
N PHE A 37 3.64 -4.84 -11.31
CA PHE A 37 2.38 -5.18 -11.96
C PHE A 37 1.27 -4.27 -11.45
N TYR A 2 7.99 -9.69 3.48
CA TYR A 2 7.29 -8.65 2.74
C TYR A 2 8.14 -7.37 2.73
N LEU A 3 7.60 -6.31 3.32
CA LEU A 3 8.08 -4.96 3.26
C LEU A 3 7.40 -4.29 4.46
N SER A 4 8.20 -3.81 5.42
CA SER A 4 7.74 -3.35 6.73
C SER A 4 6.65 -2.31 6.59
N GLU A 5 5.64 -2.39 7.45
CA GLU A 5 4.43 -1.56 7.41
C GLU A 5 4.74 -0.06 7.34
N GLN A 6 5.86 0.39 7.91
CA GLN A 6 6.28 1.78 7.82
C GLN A 6 7.05 2.08 6.53
N ASP A 7 8.00 1.21 6.15
CA ASP A 7 8.72 1.28 4.87
C ASP A 7 7.73 1.32 3.70
N PHE A 8 6.64 0.56 3.84
CA PHE A 8 5.47 0.52 3.00
C PHE A 8 4.97 1.94 2.89
N VAL A 9 4.63 2.60 4.00
CA VAL A 9 4.07 3.95 3.95
C VAL A 9 5.03 4.92 3.26
N SER A 10 6.35 4.70 3.40
CA SER A 10 7.33 5.56 2.73
C SER A 10 7.23 5.39 1.20
N VAL A 11 7.20 4.13 0.73
CA VAL A 11 7.16 3.77 -0.68
C VAL A 11 5.77 4.01 -1.30
N PHE A 12 4.71 3.84 -0.51
CA PHE A 12 3.32 3.89 -0.92
C PHE A 12 2.89 5.35 -0.96
N GLY A 13 3.37 6.13 0.01
CA GLY A 13 3.09 7.54 0.14
C GLY A 13 1.75 7.77 0.83
N ILE A 14 1.22 6.73 1.52
CA ILE A 14 -0.07 6.82 2.18
C ILE A 14 -0.02 5.88 3.37
N THR A 15 -0.63 6.30 4.48
CA THR A 15 -0.64 5.56 5.74
C THR A 15 -1.39 4.25 5.66
N ARG A 16 -1.07 3.40 6.64
CA ARG A 16 -1.77 2.15 6.94
C ARG A 16 -3.27 2.44 7.12
N GLY A 17 -3.57 3.56 7.78
CA GLY A 17 -4.94 4.01 8.03
C GLY A 17 -5.66 4.31 6.72
N GLN A 18 -5.08 5.21 5.90
CA GLN A 18 -5.63 5.57 4.60
C GLN A 18 -5.79 4.34 3.70
N PHE A 19 -4.75 3.51 3.65
CA PHE A 19 -4.72 2.31 2.82
C PHE A 19 -5.84 1.37 3.21
N ALA A 20 -6.01 1.09 4.51
CA ALA A 20 -7.08 0.23 5.00
C ALA A 20 -8.46 0.83 4.76
N ALA A 21 -8.57 2.14 4.55
CA ALA A 21 -9.81 2.82 4.21
C ALA A 21 -10.10 2.76 2.70
N LEU A 22 -9.04 2.81 1.88
CA LEU A 22 -9.16 2.75 0.42
C LEU A 22 -9.78 1.41 0.01
N PRO A 23 -10.51 1.34 -1.13
CA PRO A 23 -11.09 0.10 -1.63
C PRO A 23 -10.07 -1.02 -1.78
N GLY A 24 -10.50 -2.26 -1.53
CA GLY A 24 -9.69 -3.46 -1.66
C GLY A 24 -8.99 -3.55 -3.03
N TRP A 25 -9.63 -3.05 -4.08
CA TRP A 25 -9.02 -3.02 -5.40
C TRP A 25 -7.85 -2.04 -5.44
N LYS A 26 -8.05 -0.80 -4.99
CA LYS A 26 -7.01 0.21 -5.02
C LYS A 26 -5.86 -0.29 -4.14
N GLN A 27 -6.17 -1.00 -3.04
CA GLN A 27 -5.18 -1.57 -2.15
C GLN A 27 -4.30 -2.57 -2.89
N LEU A 28 -4.93 -3.60 -3.48
CA LEU A 28 -4.22 -4.67 -4.16
C LEU A 28 -3.42 -4.12 -5.34
N GLN A 29 -4.01 -3.17 -6.08
CA GLN A 29 -3.35 -2.50 -7.19
C GLN A 29 -2.07 -1.81 -6.71
N MET A 30 -2.16 -0.98 -5.66
CA MET A 30 -1.03 -0.27 -5.09
C MET A 30 0.10 -1.23 -4.70
N LYS A 31 -0.21 -2.36 -4.05
CA LYS A 31 0.80 -3.35 -3.69
C LYS A 31 1.57 -3.82 -4.94
N LYS A 32 0.85 -4.23 -5.99
CA LYS A 32 1.46 -4.63 -7.25
C LYS A 32 2.28 -3.51 -7.88
N GLU A 33 1.74 -2.28 -7.90
CA GLU A 33 2.31 -1.14 -8.61
C GLU A 33 3.63 -0.70 -7.98
N LYS A 34 3.63 -0.47 -6.66
CA LYS A 34 4.83 -0.20 -5.89
C LYS A 34 5.82 -1.36 -6.03
N GLY A 35 5.32 -2.58 -6.24
CA GLY A 35 6.10 -3.75 -6.62
C GLY A 35 6.78 -3.49 -7.97
N LEU A 36 6.10 -3.85 -9.07
CA LEU A 36 6.63 -3.74 -10.43
C LEU A 36 5.52 -3.75 -11.49
N PHE A 37 4.32 -3.26 -11.14
CA PHE A 37 3.16 -3.21 -12.03
C PHE A 37 2.75 -1.77 -12.32
N TYR A 2 7.90 -9.28 0.99
CA TYR A 2 7.01 -8.21 1.42
C TYR A 2 7.85 -7.13 2.12
N LEU A 3 7.21 -6.26 2.92
CA LEU A 3 7.79 -5.08 3.52
C LEU A 3 6.88 -4.62 4.66
N SER A 4 7.47 -4.43 5.84
CA SER A 4 6.78 -4.03 7.07
C SER A 4 5.93 -2.81 6.83
N GLU A 5 4.77 -2.71 7.50
CA GLU A 5 3.77 -1.68 7.24
C GLU A 5 4.31 -0.26 7.40
N GLN A 6 5.43 -0.09 8.12
CA GLN A 6 6.12 1.18 8.25
C GLN A 6 6.99 1.46 7.01
N ASP A 7 7.79 0.47 6.58
CA ASP A 7 8.58 0.53 5.34
C ASP A 7 7.69 0.73 4.12
N PHE A 8 6.54 0.06 4.16
CA PHE A 8 5.43 0.10 3.24
C PHE A 8 5.01 1.54 3.08
N VAL A 9 4.73 2.26 4.17
CA VAL A 9 4.32 3.65 4.08
C VAL A 9 5.32 4.50 3.30
N SER A 10 6.62 4.16 3.35
CA SER A 10 7.61 4.88 2.55
C SER A 10 7.40 4.64 1.05
N VAL A 11 7.16 3.37 0.68
CA VAL A 11 7.04 2.89 -0.69
C VAL A 11 5.64 3.17 -1.29
N PHE A 12 4.60 3.14 -0.45
CA PHE A 12 3.19 3.23 -0.82
C PHE A 12 2.78 4.69 -0.86
N GLY A 13 3.26 5.47 0.12
CA GLY A 13 2.94 6.88 0.23
C GLY A 13 1.59 7.10 0.92
N ILE A 14 1.02 6.04 1.52
CA ILE A 14 -0.27 6.11 2.19
C ILE A 14 -0.25 5.22 3.43
N THR A 15 -0.89 5.69 4.50
CA THR A 15 -0.91 5.05 5.80
C THR A 15 -1.60 3.70 5.80
N ARG A 16 -1.24 2.92 6.82
CA ARG A 16 -1.86 1.67 7.20
C ARG A 16 -3.36 1.87 7.40
N GLY A 17 -3.73 2.98 8.03
CA GLY A 17 -5.11 3.37 8.27
C GLY A 17 -5.83 3.65 6.96
N GLN A 18 -5.26 4.54 6.12
CA GLN A 18 -5.87 4.91 4.85
C GLN A 18 -5.96 3.70 3.92
N PHE A 19 -4.93 2.85 3.89
CA PHE A 19 -4.88 1.68 3.06
C PHE A 19 -5.99 0.71 3.46
N ALA A 20 -6.14 0.44 4.76
CA ALA A 20 -7.20 -0.43 5.26
C ALA A 20 -8.60 0.17 5.04
N ALA A 21 -8.70 1.49 4.81
CA ALA A 21 -9.94 2.16 4.48
C ALA A 21 -10.25 2.08 2.99
N LEU A 22 -9.20 2.14 2.14
CA LEU A 22 -9.35 2.07 0.69
C LEU A 22 -9.97 0.73 0.29
N PRO A 23 -10.72 0.64 -0.83
CA PRO A 23 -11.30 -0.59 -1.31
C PRO A 23 -10.27 -1.71 -1.47
N GLY A 24 -10.69 -2.96 -1.20
CA GLY A 24 -9.86 -4.14 -1.34
C GLY A 24 -9.19 -4.24 -2.71
N TRP A 25 -9.85 -3.76 -3.76
CA TRP A 25 -9.27 -3.73 -5.10
C TRP A 25 -8.11 -2.75 -5.17
N LYS A 26 -8.31 -1.51 -4.72
CA LYS A 26 -7.27 -0.51 -4.77
C LYS A 26 -6.10 -0.98 -3.91
N GLN A 27 -6.39 -1.69 -2.81
CA GLN A 27 -5.39 -2.25 -1.92
C GLN A 27 -4.52 -3.25 -2.68
N LEU A 28 -5.14 -4.29 -3.24
CA LEU A 28 -4.45 -5.36 -3.91
C LEU A 28 -3.69 -4.83 -5.13
N GLN A 29 -4.28 -3.89 -5.85
CA GLN A 29 -3.64 -3.23 -6.98
C GLN A 29 -2.36 -2.53 -6.52
N MET A 30 -2.42 -1.71 -5.46
CA MET A 30 -1.27 -1.02 -4.92
C MET A 30 -0.14 -1.97 -4.51
N LYS A 31 -0.46 -3.14 -3.92
CA LYS A 31 0.57 -4.13 -3.61
C LYS A 31 1.33 -4.54 -4.88
N LYS A 32 0.60 -4.97 -5.92
CA LYS A 32 1.16 -5.35 -7.20
C LYS A 32 1.98 -4.21 -7.82
N GLU A 33 1.44 -2.99 -7.81
CA GLU A 33 2.00 -1.83 -8.49
C GLU A 33 3.31 -1.39 -7.84
N LYS A 34 3.30 -1.21 -6.52
CA LYS A 34 4.51 -0.92 -5.75
C LYS A 34 5.52 -2.06 -5.91
N GLY A 35 5.02 -3.29 -6.12
CA GLY A 35 5.83 -4.44 -6.52
C GLY A 35 6.50 -4.16 -7.87
N LEU A 36 5.83 -4.50 -8.97
CA LEU A 36 6.37 -4.38 -10.32
C LEU A 36 5.26 -4.38 -11.40
N PHE A 37 4.06 -3.91 -11.04
CA PHE A 37 2.89 -3.90 -11.93
C PHE A 37 2.49 -2.46 -12.27
N TYR A 2 5.10 -7.17 1.87
CA TYR A 2 6.44 -7.54 1.44
C TYR A 2 7.47 -6.46 1.84
N LEU A 3 7.14 -5.68 2.88
CA LEU A 3 7.89 -4.54 3.39
C LEU A 3 7.17 -4.06 4.65
N SER A 4 7.90 -3.88 5.76
CA SER A 4 7.34 -3.49 7.05
C SER A 4 6.44 -2.28 6.89
N GLU A 5 5.33 -2.27 7.63
CA GLU A 5 4.23 -1.32 7.47
C GLU A 5 4.66 0.14 7.55
N GLN A 6 5.83 0.42 8.12
CA GLN A 6 6.42 1.74 8.13
C GLN A 6 7.16 2.03 6.82
N ASP A 7 8.01 1.10 6.37
CA ASP A 7 8.68 1.14 5.06
C ASP A 7 7.67 1.27 3.92
N PHE A 8 6.57 0.53 4.09
CA PHE A 8 5.37 0.54 3.26
C PHE A 8 4.95 1.97 3.09
N VAL A 9 4.66 2.69 4.17
CA VAL A 9 4.17 4.06 4.07
C VAL A 9 5.17 4.95 3.34
N SER A 10 6.47 4.67 3.47
CA SER A 10 7.48 5.45 2.77
C SER A 10 7.38 5.23 1.25
N VAL A 11 7.25 3.97 0.83
CA VAL A 11 7.19 3.54 -0.57
C VAL A 11 5.81 3.81 -1.20
N PHE A 12 4.74 3.72 -0.40
CA PHE A 12 3.36 3.80 -0.82
C PHE A 12 2.96 5.27 -0.90
N GLY A 13 3.44 6.06 0.06
CA GLY A 13 3.16 7.48 0.15
C GLY A 13 1.81 7.72 0.80
N ILE A 14 1.24 6.72 1.49
CA ILE A 14 -0.04 6.84 2.15
C ILE A 14 -0.01 5.94 3.37
N THR A 15 -0.64 6.39 4.46
CA THR A 15 -0.61 5.70 5.75
C THR A 15 -1.30 4.35 5.71
N ARG A 16 -0.89 3.53 6.69
CA ARG A 16 -1.49 2.27 7.05
C ARG A 16 -2.99 2.45 7.29
N GLY A 17 -3.35 3.56 7.95
CA GLY A 17 -4.72 3.92 8.24
C GLY A 17 -5.49 4.21 6.94
N GLN A 18 -4.96 5.12 6.11
CA GLN A 18 -5.64 5.50 4.88
C GLN A 18 -5.71 4.31 3.90
N PHE A 19 -4.67 3.47 3.87
CA PHE A 19 -4.64 2.29 3.03
C PHE A 19 -5.76 1.33 3.45
N ALA A 20 -5.91 1.09 4.75
CA ALA A 20 -6.97 0.22 5.26
C ALA A 20 -8.37 0.82 5.02
N ALA A 21 -8.47 2.13 4.78
CA ALA A 21 -9.72 2.80 4.44
C ALA A 21 -10.02 2.69 2.94
N LEU A 22 -8.98 2.75 2.10
CA LEU A 22 -9.10 2.64 0.64
C LEU A 22 -9.71 1.27 0.28
N PRO A 23 -10.40 1.16 -0.87
CA PRO A 23 -11.05 -0.07 -1.27
C PRO A 23 -10.04 -1.19 -1.53
N GLY A 24 -10.46 -2.43 -1.31
CA GLY A 24 -9.65 -3.63 -1.47
C GLY A 24 -8.94 -3.68 -2.83
N TRP A 25 -9.59 -3.17 -3.89
CA TRP A 25 -8.96 -3.10 -5.19
C TRP A 25 -7.81 -2.11 -5.19
N LYS A 26 -8.03 -0.88 -4.72
CA LYS A 26 -6.98 0.13 -4.75
C LYS A 26 -5.82 -0.36 -3.88
N GLN A 27 -6.14 -1.10 -2.80
CA GLN A 27 -5.15 -1.69 -1.92
C GLN A 27 -4.26 -2.68 -2.68
N LEU A 28 -4.88 -3.69 -3.31
CA LEU A 28 -4.16 -4.74 -4.00
C LEU A 28 -3.39 -4.16 -5.20
N GLN A 29 -4.01 -3.19 -5.89
CA GLN A 29 -3.42 -2.46 -7.00
C GLN A 29 -2.12 -1.79 -6.56
N MET A 30 -2.15 -1.02 -5.45
CA MET A 30 -0.97 -0.37 -4.90
C MET A 30 0.11 -1.39 -4.53
N LYS A 31 -0.24 -2.47 -3.84
CA LYS A 31 0.71 -3.53 -3.50
C LYS A 31 1.43 -4.05 -4.74
N LYS A 32 0.68 -4.40 -5.80
CA LYS A 32 1.27 -4.84 -7.05
C LYS A 32 2.17 -3.76 -7.67
N GLU A 33 1.67 -2.52 -7.74
CA GLU A 33 2.34 -1.42 -8.44
C GLU A 33 3.67 -1.07 -7.78
N LYS A 34 3.65 -0.78 -6.48
CA LYS A 34 4.85 -0.56 -5.68
C LYS A 34 5.76 -1.78 -5.73
N GLY A 35 5.17 -2.98 -5.91
CA GLY A 35 5.87 -4.21 -6.21
C GLY A 35 6.64 -4.08 -7.53
N LEU A 36 5.98 -4.42 -8.66
CA LEU A 36 6.60 -4.47 -9.97
C LEU A 36 5.58 -4.36 -11.11
N PHE A 37 4.45 -3.68 -10.88
CA PHE A 37 3.40 -3.47 -11.89
C PHE A 37 3.23 -1.98 -12.18
N TYR A 2 9.24 -8.92 4.11
CA TYR A 2 8.59 -8.34 2.93
C TYR A 2 7.62 -7.24 3.36
N LEU A 3 7.96 -5.99 3.04
CA LEU A 3 7.15 -4.81 3.26
C LEU A 3 6.70 -4.66 4.72
N SER A 4 7.60 -4.11 5.53
CA SER A 4 7.27 -3.67 6.89
C SER A 4 6.22 -2.58 6.76
N GLU A 5 5.21 -2.60 7.62
CA GLU A 5 4.02 -1.76 7.49
C GLU A 5 4.37 -0.27 7.42
N GLN A 6 5.52 0.13 7.98
CA GLN A 6 6.02 1.49 7.91
C GLN A 6 6.72 1.77 6.57
N ASP A 7 7.63 0.89 6.14
CA ASP A 7 8.30 0.97 4.83
C ASP A 7 7.29 0.99 3.69
N PHE A 8 6.25 0.18 3.85
CA PHE A 8 5.05 0.11 3.04
C PHE A 8 4.53 1.52 2.88
N VAL A 9 4.26 2.24 3.97
CA VAL A 9 3.70 3.59 3.86
C VAL A 9 4.65 4.52 3.10
N SER A 10 5.96 4.29 3.19
CA SER A 10 6.91 5.12 2.43
C SER A 10 6.74 4.87 0.93
N VAL A 11 6.71 3.59 0.53
CA VAL A 11 6.63 3.15 -0.86
C VAL A 11 5.22 3.36 -1.44
N PHE A 12 4.18 3.26 -0.61
CA PHE A 12 2.77 3.36 -0.96
C PHE A 12 2.34 4.83 -0.95
N GLY A 13 3.06 5.67 -0.20
CA GLY A 13 2.72 7.06 0.04
C GLY A 13 1.29 7.23 0.53
N ILE A 14 0.74 6.23 1.22
CA ILE A 14 -0.55 6.33 1.88
C ILE A 14 -0.45 5.48 3.14
N THR A 15 -1.08 5.94 4.22
CA THR A 15 -1.01 5.25 5.51
C THR A 15 -1.66 3.89 5.51
N ARG A 16 -1.23 3.10 6.49
CA ARG A 16 -1.80 1.83 6.86
C ARG A 16 -3.29 1.98 7.14
N GLY A 17 -3.64 3.08 7.82
CA GLY A 17 -5.01 3.44 8.15
C GLY A 17 -5.82 3.71 6.88
N GLN A 18 -5.34 4.62 6.02
CA GLN A 18 -6.05 4.97 4.80
C GLN A 18 -6.14 3.78 3.86
N PHE A 19 -5.09 2.97 3.77
CA PHE A 19 -5.06 1.76 2.98
C PHE A 19 -6.16 0.80 3.43
N ALA A 20 -6.26 0.55 4.75
CA ALA A 20 -7.28 -0.33 5.30
C ALA A 20 -8.70 0.24 5.11
N ALA A 21 -8.83 1.54 4.85
CA ALA A 21 -10.10 2.19 4.55
C ALA A 21 -10.45 2.09 3.06
N LEU A 22 -9.43 2.14 2.19
CA LEU A 22 -9.61 2.09 0.74
C LEU A 22 -10.26 0.76 0.32
N PRO A 23 -10.98 0.72 -0.82
CA PRO A 23 -11.59 -0.50 -1.33
C PRO A 23 -10.59 -1.66 -1.43
N GLY A 24 -11.07 -2.88 -1.17
CA GLY A 24 -10.27 -4.10 -1.26
C GLY A 24 -9.58 -4.24 -2.61
N TRP A 25 -10.20 -3.75 -3.70
CA TRP A 25 -9.57 -3.75 -5.00
C TRP A 25 -8.39 -2.80 -5.04
N LYS A 26 -8.58 -1.54 -4.63
CA LYS A 26 -7.53 -0.55 -4.67
C LYS A 26 -6.38 -1.03 -3.78
N GLN A 27 -6.71 -1.73 -2.68
CA GLN A 27 -5.72 -2.33 -1.79
C GLN A 27 -4.87 -3.35 -2.54
N LEU A 28 -5.52 -4.38 -3.11
CA LEU A 28 -4.82 -5.48 -3.78
C LEU A 28 -4.05 -4.96 -4.99
N GLN A 29 -4.62 -3.98 -5.70
CA GLN A 29 -4.00 -3.30 -6.82
C GLN A 29 -2.69 -2.64 -6.38
N MET A 30 -2.74 -1.80 -5.32
CA MET A 30 -1.55 -1.16 -4.79
C MET A 30 -0.49 -2.18 -4.38
N LYS A 31 -0.88 -3.27 -3.72
CA LYS A 31 0.06 -4.31 -3.32
C LYS A 31 0.78 -4.92 -4.53
N LYS A 32 0.05 -5.30 -5.58
CA LYS A 32 0.69 -5.87 -6.77
C LYS A 32 1.51 -4.83 -7.53
N GLU A 33 1.09 -3.55 -7.50
CA GLU A 33 1.74 -2.49 -8.24
C GLU A 33 3.08 -2.15 -7.57
N LYS A 34 3.04 -1.68 -6.32
CA LYS A 34 4.25 -1.41 -5.54
C LYS A 34 5.11 -2.67 -5.43
N GLY A 35 4.47 -3.84 -5.47
CA GLY A 35 5.09 -5.15 -5.61
C GLY A 35 5.99 -5.22 -6.84
N LEU A 36 5.40 -5.57 -8.00
CA LEU A 36 6.12 -5.91 -9.22
C LEU A 36 5.78 -4.99 -10.41
N PHE A 37 5.63 -3.67 -10.16
CA PHE A 37 5.45 -2.68 -11.21
C PHE A 37 6.13 -1.38 -10.80
N TYR A 2 6.64 -9.88 2.19
CA TYR A 2 7.24 -8.65 1.71
C TYR A 2 6.48 -7.41 2.23
N LEU A 3 7.13 -6.24 2.16
CA LEU A 3 6.54 -4.96 2.50
C LEU A 3 5.94 -4.94 3.91
N SER A 4 6.81 -4.69 4.90
CA SER A 4 6.40 -4.42 6.26
C SER A 4 5.60 -3.12 6.24
N GLU A 5 4.44 -3.10 6.91
CA GLU A 5 3.47 -2.02 6.81
C GLU A 5 4.07 -0.65 7.12
N GLN A 6 5.16 -0.60 7.89
CA GLN A 6 5.89 0.62 8.19
C GLN A 6 6.79 1.05 7.02
N ASP A 7 7.57 0.11 6.45
CA ASP A 7 8.38 0.34 5.25
C ASP A 7 7.50 0.76 4.06
N PHE A 8 6.36 0.09 3.97
CA PHE A 8 5.26 0.27 3.06
C PHE A 8 4.81 1.71 3.16
N VAL A 9 4.53 2.24 4.35
CA VAL A 9 4.13 3.64 4.49
C VAL A 9 5.13 4.60 3.84
N SER A 10 6.42 4.24 3.80
CA SER A 10 7.40 5.09 3.12
C SER A 10 7.17 5.08 1.59
N VAL A 11 6.99 3.88 1.03
CA VAL A 11 6.86 3.62 -0.40
C VAL A 11 5.46 3.97 -0.94
N PHE A 12 4.43 3.88 -0.09
CA PHE A 12 3.02 4.03 -0.40
C PHE A 12 2.58 5.47 -0.15
N GLY A 13 3.22 6.15 0.81
CA GLY A 13 2.78 7.44 1.32
C GLY A 13 1.30 7.45 1.72
N ILE A 14 0.74 6.29 2.09
CA ILE A 14 -0.58 6.20 2.69
C ILE A 14 -0.54 5.24 3.87
N THR A 15 -1.27 5.60 4.93
CA THR A 15 -1.33 4.87 6.19
C THR A 15 -2.03 3.53 6.08
N ARG A 16 -1.76 2.70 7.09
CA ARG A 16 -2.44 1.44 7.35
C ARG A 16 -3.95 1.69 7.47
N GLY A 17 -4.33 2.79 8.13
CA GLY A 17 -5.71 3.18 8.34
C GLY A 17 -6.38 3.52 7.00
N GLN A 18 -5.78 4.45 6.25
CA GLN A 18 -6.30 4.88 4.97
C GLN A 18 -6.33 3.73 3.96
N PHE A 19 -5.30 2.88 3.97
CA PHE A 19 -5.22 1.72 3.10
C PHE A 19 -6.37 0.75 3.42
N ALA A 20 -6.60 0.45 4.71
CA ALA A 20 -7.69 -0.41 5.12
C ALA A 20 -9.06 0.21 4.83
N ALA A 21 -9.14 1.54 4.63
CA ALA A 21 -10.35 2.23 4.25
C ALA A 21 -10.57 2.18 2.73
N LEU A 22 -9.49 2.24 1.95
CA LEU A 22 -9.54 2.14 0.49
C LEU A 22 -10.16 0.79 0.08
N PRO A 23 -10.82 0.70 -1.09
CA PRO A 23 -11.37 -0.56 -1.59
C PRO A 23 -10.34 -1.68 -1.62
N GLY A 24 -10.77 -2.91 -1.33
CA GLY A 24 -9.93 -4.11 -1.36
C GLY A 24 -9.21 -4.28 -2.70
N TRP A 25 -9.82 -3.84 -3.80
CA TRP A 25 -9.17 -3.86 -5.09
C TRP A 25 -8.03 -2.86 -5.13
N LYS A 26 -8.25 -1.61 -4.74
CA LYS A 26 -7.24 -0.58 -4.82
C LYS A 26 -6.08 -1.01 -3.88
N GLN A 27 -6.40 -1.70 -2.78
CA GLN A 27 -5.41 -2.24 -1.85
C GLN A 27 -4.51 -3.25 -2.55
N LEU A 28 -5.12 -4.31 -3.12
CA LEU A 28 -4.38 -5.40 -3.75
C LEU A 28 -3.61 -4.88 -4.97
N GLN A 29 -4.21 -3.94 -5.70
CA GLN A 29 -3.61 -3.26 -6.84
C GLN A 29 -2.32 -2.57 -6.39
N MET A 30 -2.39 -1.73 -5.34
CA MET A 30 -1.21 -1.03 -4.82
C MET A 30 -0.13 -2.01 -4.38
N LYS A 31 -0.47 -3.07 -3.64
CA LYS A 31 0.47 -4.12 -3.27
C LYS A 31 1.20 -4.68 -4.49
N LYS A 32 0.45 -5.09 -5.51
CA LYS A 32 1.00 -5.62 -6.75
C LYS A 32 1.88 -4.59 -7.47
N GLU A 33 1.45 -3.33 -7.52
CA GLU A 33 2.07 -2.27 -8.30
C GLU A 33 3.41 -1.88 -7.68
N LYS A 34 3.42 -1.54 -6.39
CA LYS A 34 4.64 -1.28 -5.64
C LYS A 34 5.55 -2.52 -5.66
N GLY A 35 4.94 -3.71 -5.76
CA GLY A 35 5.64 -4.96 -6.02
C GLY A 35 6.38 -4.88 -7.36
N LEU A 36 5.71 -5.27 -8.46
CA LEU A 36 6.32 -5.31 -9.78
C LEU A 36 5.28 -5.39 -10.91
N PHE A 37 4.04 -4.92 -10.67
CA PHE A 37 2.95 -5.00 -11.64
C PHE A 37 2.81 -3.68 -12.40
N TYR A 2 5.26 -7.16 2.04
CA TYR A 2 6.64 -7.62 1.93
C TYR A 2 7.64 -6.50 2.23
N LEU A 3 7.31 -5.65 3.21
CA LEU A 3 8.05 -4.48 3.64
C LEU A 3 7.35 -3.96 4.90
N SER A 4 8.13 -3.70 5.96
CA SER A 4 7.63 -3.27 7.28
C SER A 4 6.54 -2.23 7.12
N GLU A 5 5.47 -2.37 7.92
CA GLU A 5 4.24 -1.59 7.73
C GLU A 5 4.46 -0.08 7.78
N GLN A 6 5.57 0.39 8.38
CA GLN A 6 5.96 1.79 8.32
C GLN A 6 6.76 2.13 7.05
N ASP A 7 7.75 1.30 6.69
CA ASP A 7 8.49 1.39 5.42
C ASP A 7 7.52 1.39 4.23
N PHE A 8 6.46 0.60 4.35
CA PHE A 8 5.30 0.56 3.48
C PHE A 8 4.78 1.96 3.33
N VAL A 9 4.40 2.63 4.43
CA VAL A 9 3.82 3.95 4.36
C VAL A 9 4.78 4.93 3.70
N SER A 10 6.09 4.74 3.87
CA SER A 10 7.06 5.61 3.22
C SER A 10 6.99 5.45 1.69
N VAL A 11 7.00 4.20 1.21
CA VAL A 11 6.99 3.87 -0.22
C VAL A 11 5.61 4.08 -0.85
N PHE A 12 4.53 3.85 -0.09
CA PHE A 12 3.15 3.91 -0.52
C PHE A 12 2.70 5.37 -0.52
N GLY A 13 3.22 6.16 0.44
CA GLY A 13 2.93 7.57 0.55
C GLY A 13 1.60 7.79 1.24
N ILE A 14 1.07 6.76 1.92
CA ILE A 14 -0.24 6.82 2.55
C ILE A 14 -0.20 5.88 3.73
N THR A 15 -0.89 6.24 4.82
CA THR A 15 -0.89 5.45 6.04
C THR A 15 -1.55 4.10 5.88
N ARG A 16 -1.17 3.22 6.80
CA ARG A 16 -1.76 1.92 7.03
C ARG A 16 -3.26 2.05 7.25
N GLY A 17 -3.65 3.11 7.98
CA GLY A 17 -5.05 3.45 8.24
C GLY A 17 -5.78 3.80 6.95
N GLN A 18 -5.26 4.77 6.18
CA GLN A 18 -5.90 5.20 4.95
C GLN A 18 -5.92 4.07 3.92
N PHE A 19 -4.86 3.27 3.86
CA PHE A 19 -4.78 2.10 3.01
C PHE A 19 -5.90 1.11 3.35
N ALA A 20 -6.08 0.81 4.64
CA ALA A 20 -7.14 -0.09 5.08
C ALA A 20 -8.53 0.49 4.82
N ALA A 21 -8.65 1.82 4.62
CA ALA A 21 -9.89 2.48 4.27
C ALA A 21 -10.14 2.44 2.76
N LEU A 22 -9.07 2.53 1.95
CA LEU A 22 -9.16 2.48 0.50
C LEU A 22 -9.78 1.15 0.04
N PRO A 23 -10.45 1.11 -1.14
CA PRO A 23 -11.03 -0.11 -1.69
C PRO A 23 -10.02 -1.26 -1.75
N GLY A 24 -10.51 -2.49 -1.51
CA GLY A 24 -9.70 -3.69 -1.57
C GLY A 24 -8.95 -3.84 -2.90
N TRP A 25 -9.53 -3.33 -3.99
CA TRP A 25 -8.85 -3.33 -5.28
C TRP A 25 -7.68 -2.37 -5.26
N LYS A 26 -7.88 -1.11 -4.83
CA LYS A 26 -6.81 -0.13 -4.83
C LYS A 26 -5.70 -0.65 -3.90
N GLN A 27 -6.08 -1.36 -2.83
CA GLN A 27 -5.13 -1.96 -1.89
C GLN A 27 -4.24 -2.97 -2.62
N LEU A 28 -4.86 -3.98 -3.24
CA LEU A 28 -4.13 -5.05 -3.92
C LEU A 28 -3.32 -4.49 -5.09
N GLN A 29 -3.89 -3.52 -5.81
CA GLN A 29 -3.25 -2.80 -6.90
C GLN A 29 -1.94 -2.18 -6.42
N MET A 30 -1.96 -1.42 -5.32
CA MET A 30 -0.77 -0.78 -4.77
C MET A 30 0.29 -1.82 -4.43
N LYS A 31 -0.08 -2.89 -3.70
CA LYS A 31 0.84 -3.94 -3.31
C LYS A 31 1.51 -4.58 -4.53
N LYS A 32 0.73 -4.93 -5.56
CA LYS A 32 1.25 -5.45 -6.81
C LYS A 32 2.16 -4.45 -7.52
N GLU A 33 1.74 -3.18 -7.59
CA GLU A 33 2.41 -2.13 -8.36
C GLU A 33 3.84 -1.90 -7.87
N LYS A 34 4.06 -1.88 -6.54
CA LYS A 34 5.39 -1.79 -5.96
C LYS A 34 6.28 -2.93 -6.45
N GLY A 35 5.69 -4.09 -6.74
CA GLY A 35 6.34 -5.20 -7.41
C GLY A 35 6.49 -4.87 -8.90
N LEU A 36 5.50 -5.27 -9.70
CA LEU A 36 5.50 -5.15 -11.15
C LEU A 36 4.09 -5.39 -11.72
N PHE A 37 3.06 -4.96 -10.97
CA PHE A 37 1.66 -5.28 -11.21
C PHE A 37 1.44 -6.80 -11.12
N TYR A 2 7.07 -9.27 3.72
CA TYR A 2 6.58 -8.41 2.66
C TYR A 2 6.22 -7.03 3.21
N LEU A 3 7.16 -6.08 3.15
CA LEU A 3 6.98 -4.67 3.41
C LEU A 3 6.51 -4.36 4.84
N SER A 4 7.38 -3.81 5.69
CA SER A 4 6.95 -3.27 6.97
C SER A 4 6.08 -2.06 6.70
N GLU A 5 5.03 -1.88 7.50
CA GLU A 5 3.97 -0.90 7.26
C GLU A 5 4.53 0.51 7.14
N GLN A 6 5.67 0.77 7.78
CA GLN A 6 6.36 2.04 7.73
C GLN A 6 7.13 2.23 6.42
N ASP A 7 7.93 1.24 6.01
CA ASP A 7 8.63 1.26 4.71
C ASP A 7 7.64 1.34 3.55
N PHE A 8 6.54 0.61 3.70
CA PHE A 8 5.36 0.64 2.86
C PHE A 8 4.92 2.08 2.73
N VAL A 9 4.58 2.75 3.82
CA VAL A 9 4.18 4.15 3.79
C VAL A 9 5.20 5.03 3.08
N SER A 10 6.50 4.77 3.29
CA SER A 10 7.55 5.56 2.66
C SER A 10 7.49 5.46 1.13
N VAL A 11 7.22 4.25 0.62
CA VAL A 11 7.20 3.90 -0.80
C VAL A 11 5.83 4.14 -1.44
N PHE A 12 4.75 3.99 -0.66
CA PHE A 12 3.38 3.96 -1.12
C PHE A 12 2.89 5.40 -1.25
N GLY A 13 3.26 6.25 -0.29
CA GLY A 13 2.87 7.65 -0.28
C GLY A 13 1.48 7.81 0.29
N ILE A 14 1.03 6.85 1.12
CA ILE A 14 -0.22 6.95 1.86
C ILE A 14 0.07 6.60 3.32
N THR A 15 -0.98 6.35 4.12
CA THR A 15 -0.88 5.81 5.48
C THR A 15 -1.59 4.49 5.63
N ARG A 16 -1.16 3.79 6.68
CA ARG A 16 -1.76 2.59 7.23
C ARG A 16 -3.26 2.81 7.46
N GLY A 17 -3.62 4.00 7.96
CA GLY A 17 -4.98 4.39 8.23
C GLY A 17 -5.79 4.49 6.94
N GLN A 18 -5.28 5.27 5.97
CA GLN A 18 -5.93 5.45 4.68
C GLN A 18 -6.06 4.10 3.96
N PHE A 19 -4.99 3.32 3.94
CA PHE A 19 -4.92 2.08 3.19
C PHE A 19 -5.99 1.11 3.66
N ALA A 20 -6.15 0.97 4.99
CA ALA A 20 -7.16 0.10 5.57
C ALA A 20 -8.58 0.57 5.28
N ALA A 21 -8.77 1.84 4.89
CA ALA A 21 -10.06 2.39 4.52
C ALA A 21 -10.32 2.25 3.01
N LEU A 22 -9.26 2.33 2.19
CA LEU A 22 -9.36 2.29 0.73
C LEU A 22 -9.94 0.94 0.27
N PRO A 23 -10.61 0.89 -0.89
CA PRO A 23 -11.14 -0.36 -1.46
C PRO A 23 -10.08 -1.44 -1.56
N GLY A 24 -10.48 -2.71 -1.35
CA GLY A 24 -9.60 -3.87 -1.45
C GLY A 24 -8.87 -3.94 -2.79
N TRP A 25 -9.50 -3.48 -3.87
CA TRP A 25 -8.84 -3.40 -5.16
C TRP A 25 -7.74 -2.35 -5.15
N LYS A 26 -8.03 -1.13 -4.68
CA LYS A 26 -7.04 -0.06 -4.67
C LYS A 26 -5.87 -0.51 -3.76
N GLN A 27 -6.17 -1.29 -2.72
CA GLN A 27 -5.16 -1.84 -1.82
C GLN A 27 -4.21 -2.77 -2.58
N LEU A 28 -4.79 -3.81 -3.20
CA LEU A 28 -4.00 -4.81 -3.91
C LEU A 28 -3.28 -4.20 -5.11
N GLN A 29 -3.91 -3.23 -5.76
CA GLN A 29 -3.38 -2.44 -6.86
C GLN A 29 -2.08 -1.76 -6.44
N MET A 30 -2.12 -0.99 -5.34
CA MET A 30 -0.94 -0.33 -4.80
C MET A 30 0.17 -1.34 -4.49
N LYS A 31 -0.18 -2.46 -3.83
CA LYS A 31 0.78 -3.51 -3.53
C LYS A 31 1.48 -4.05 -4.79
N LYS A 32 0.72 -4.41 -5.83
CA LYS A 32 1.32 -4.99 -7.02
C LYS A 32 2.10 -3.93 -7.82
N GLU A 33 1.67 -2.66 -7.77
CA GLU A 33 2.30 -1.58 -8.52
C GLU A 33 3.65 -1.22 -7.91
N LYS A 34 3.66 -0.84 -6.62
CA LYS A 34 4.88 -0.57 -5.88
C LYS A 34 5.78 -1.82 -5.87
N GLY A 35 5.16 -3.00 -5.90
CA GLY A 35 5.81 -4.29 -6.12
C GLY A 35 6.57 -4.29 -7.45
N LEU A 36 5.88 -4.67 -8.53
CA LEU A 36 6.48 -4.95 -9.83
C LEU A 36 5.48 -4.70 -10.96
N PHE A 37 4.72 -3.60 -10.87
CA PHE A 37 3.66 -3.17 -11.77
C PHE A 37 2.40 -4.03 -11.62
N TYR A 2 6.01 -7.30 1.79
CA TYR A 2 7.44 -7.52 1.64
C TYR A 2 8.25 -6.27 2.02
N LEU A 3 7.78 -5.53 3.04
CA LEU A 3 8.32 -4.29 3.55
C LEU A 3 7.47 -3.91 4.77
N SER A 4 8.12 -3.59 5.90
CA SER A 4 7.46 -3.28 7.17
C SER A 4 6.31 -2.31 6.96
N GLU A 5 5.27 -2.41 7.80
CA GLU A 5 4.07 -1.61 7.66
C GLU A 5 4.37 -0.11 7.68
N GLN A 6 5.50 0.30 8.28
CA GLN A 6 5.96 1.69 8.24
C GLN A 6 6.77 2.02 6.97
N ASP A 7 7.74 1.16 6.59
CA ASP A 7 8.49 1.30 5.35
C ASP A 7 7.53 1.39 4.15
N PHE A 8 6.46 0.60 4.23
CA PHE A 8 5.30 0.60 3.37
C PHE A 8 4.80 2.02 3.27
N VAL A 9 4.43 2.66 4.39
CA VAL A 9 3.89 4.01 4.35
C VAL A 9 4.88 4.98 3.72
N SER A 10 6.20 4.76 3.89
CA SER A 10 7.20 5.61 3.30
C SER A 10 7.16 5.52 1.77
N VAL A 11 7.08 4.30 1.23
CA VAL A 11 7.09 4.03 -0.21
C VAL A 11 5.72 4.28 -0.85
N PHE A 12 4.63 4.02 -0.11
CA PHE A 12 3.25 4.09 -0.55
C PHE A 12 2.81 5.55 -0.52
N GLY A 13 3.32 6.30 0.46
CA GLY A 13 3.05 7.72 0.60
C GLY A 13 1.70 7.94 1.29
N ILE A 14 1.15 6.88 1.92
CA ILE A 14 -0.17 6.95 2.54
C ILE A 14 -0.15 5.99 3.71
N THR A 15 -0.83 6.35 4.79
CA THR A 15 -0.85 5.56 6.02
C THR A 15 -1.54 4.22 5.85
N ARG A 16 -1.18 3.33 6.77
CA ARG A 16 -1.80 2.05 7.02
C ARG A 16 -3.30 2.22 7.22
N GLY A 17 -3.68 3.29 7.93
CA GLY A 17 -5.06 3.65 8.18
C GLY A 17 -5.78 4.00 6.89
N GLN A 18 -5.25 4.96 6.11
CA GLN A 18 -5.88 5.39 4.87
C GLN A 18 -5.90 4.27 3.84
N PHE A 19 -4.84 3.44 3.82
CA PHE A 19 -4.77 2.26 2.96
C PHE A 19 -5.91 1.31 3.29
N ALA A 20 -6.10 1.00 4.58
CA ALA A 20 -7.18 0.12 5.01
C ALA A 20 -8.57 0.72 4.73
N ALA A 21 -8.66 2.03 4.52
CA ALA A 21 -9.90 2.71 4.13
C ALA A 21 -10.12 2.65 2.61
N LEU A 22 -9.03 2.71 1.83
CA LEU A 22 -9.11 2.64 0.36
C LEU A 22 -9.73 1.31 -0.08
N PRO A 23 -10.38 1.26 -1.26
CA PRO A 23 -10.96 0.04 -1.80
C PRO A 23 -9.97 -1.12 -1.84
N GLY A 24 -10.45 -2.35 -1.58
CA GLY A 24 -9.66 -3.57 -1.62
C GLY A 24 -8.89 -3.72 -2.94
N TRP A 25 -9.45 -3.24 -4.05
CA TRP A 25 -8.77 -3.25 -5.32
C TRP A 25 -7.58 -2.29 -5.31
N LYS A 26 -7.80 -1.03 -4.90
CA LYS A 26 -6.73 -0.05 -4.90
C LYS A 26 -5.63 -0.55 -3.95
N GLN A 27 -6.02 -1.25 -2.87
CA GLN A 27 -5.07 -1.83 -1.92
C GLN A 27 -4.18 -2.85 -2.61
N LEU A 28 -4.78 -3.87 -3.23
CA LEU A 28 -4.05 -4.95 -3.87
C LEU A 28 -3.22 -4.41 -5.05
N GLN A 29 -3.79 -3.46 -5.80
CA GLN A 29 -3.15 -2.76 -6.90
C GLN A 29 -1.84 -2.14 -6.40
N MET A 30 -1.89 -1.34 -5.33
CA MET A 30 -0.72 -0.67 -4.76
C MET A 30 0.36 -1.68 -4.37
N LYS A 31 -0.02 -2.76 -3.66
CA LYS A 31 0.92 -3.80 -3.26
C LYS A 31 1.66 -4.39 -4.47
N LYS A 32 0.91 -4.77 -5.51
CA LYS A 32 1.48 -5.31 -6.73
C LYS A 32 2.36 -4.28 -7.46
N GLU A 33 1.89 -3.03 -7.55
CA GLU A 33 2.53 -1.97 -8.33
C GLU A 33 3.98 -1.72 -7.91
N LYS A 34 4.26 -1.71 -6.61
CA LYS A 34 5.63 -1.57 -6.10
C LYS A 34 6.52 -2.71 -6.63
N GLY A 35 5.93 -3.90 -6.84
CA GLY A 35 6.55 -5.01 -7.53
C GLY A 35 6.65 -4.70 -9.02
N LEU A 36 5.60 -5.08 -9.77
CA LEU A 36 5.52 -4.92 -11.22
C LEU A 36 4.07 -4.88 -11.71
N PHE A 37 3.14 -4.51 -10.83
CA PHE A 37 1.70 -4.61 -11.02
C PHE A 37 1.29 -6.05 -11.34
N TYR A 2 4.98 -6.80 1.57
CA TYR A 2 6.33 -7.26 1.27
C TYR A 2 7.38 -6.23 1.76
N LEU A 3 7.02 -5.42 2.75
CA LEU A 3 7.82 -4.32 3.26
C LEU A 3 7.16 -3.80 4.54
N SER A 4 7.95 -3.67 5.62
CA SER A 4 7.55 -3.17 6.94
C SER A 4 6.59 -2.00 6.84
N GLU A 5 5.57 -1.97 7.70
CA GLU A 5 4.53 -0.96 7.74
C GLU A 5 5.06 0.48 7.56
N GLN A 6 6.25 0.77 8.10
CA GLN A 6 6.88 2.07 7.94
C GLN A 6 7.57 2.23 6.58
N ASP A 7 8.32 1.22 6.13
CA ASP A 7 8.93 1.17 4.80
C ASP A 7 7.85 1.27 3.71
N PHE A 8 6.68 0.70 3.98
CA PHE A 8 5.46 0.80 3.22
C PHE A 8 5.12 2.28 3.12
N VAL A 9 4.92 2.97 4.24
CA VAL A 9 4.58 4.39 4.22
C VAL A 9 5.59 5.20 3.42
N SER A 10 6.88 4.87 3.50
CA SER A 10 7.92 5.56 2.76
C SER A 10 7.70 5.44 1.25
N VAL A 11 7.39 4.22 0.79
CA VAL A 11 7.24 3.88 -0.63
C VAL A 11 5.86 4.24 -1.16
N PHE A 12 4.82 4.14 -0.33
CA PHE A 12 3.42 4.25 -0.70
C PHE A 12 3.03 5.72 -0.69
N GLY A 13 3.59 6.50 0.25
CA GLY A 13 3.33 7.93 0.36
C GLY A 13 2.02 8.19 1.10
N ILE A 14 1.39 7.15 1.66
CA ILE A 14 0.11 7.26 2.35
C ILE A 14 0.13 6.40 3.61
N THR A 15 -0.59 6.86 4.64
CA THR A 15 -0.66 6.21 5.93
C THR A 15 -1.28 4.82 5.87
N ARG A 16 -0.92 4.03 6.89
CA ARG A 16 -1.49 2.73 7.18
C ARG A 16 -3.00 2.87 7.35
N GLY A 17 -3.42 3.96 8.01
CA GLY A 17 -4.81 4.30 8.23
C GLY A 17 -5.52 4.60 6.91
N GLN A 18 -4.98 5.51 6.09
CA GLN A 18 -5.63 5.88 4.85
C GLN A 18 -5.66 4.69 3.88
N PHE A 19 -4.61 3.87 3.87
CA PHE A 19 -4.56 2.66 3.07
C PHE A 19 -5.69 1.71 3.45
N ALA A 20 -5.85 1.46 4.77
CA ALA A 20 -6.91 0.59 5.26
C ALA A 20 -8.31 1.17 5.00
N ALA A 21 -8.41 2.48 4.74
CA ALA A 21 -9.66 3.15 4.36
C ALA A 21 -9.91 3.04 2.86
N LEU A 22 -8.86 3.09 2.04
CA LEU A 22 -8.96 2.99 0.58
C LEU A 22 -9.56 1.63 0.19
N PRO A 23 -10.28 1.54 -0.94
CA PRO A 23 -10.84 0.28 -1.43
C PRO A 23 -9.79 -0.83 -1.51
N GLY A 24 -10.21 -2.07 -1.23
CA GLY A 24 -9.35 -3.25 -1.31
C GLY A 24 -8.67 -3.40 -2.67
N TRP A 25 -9.33 -2.95 -3.74
CA TRP A 25 -8.72 -2.94 -5.06
C TRP A 25 -7.59 -1.93 -5.12
N LYS A 26 -7.82 -0.68 -4.70
CA LYS A 26 -6.80 0.34 -4.77
C LYS A 26 -5.63 -0.09 -3.88
N GLN A 27 -5.91 -0.83 -2.79
CA GLN A 27 -4.88 -1.36 -1.90
C GLN A 27 -3.99 -2.35 -2.66
N LEU A 28 -4.61 -3.39 -3.24
CA LEU A 28 -3.86 -4.44 -3.93
C LEU A 28 -3.14 -3.89 -5.16
N GLN A 29 -3.79 -2.94 -5.85
CA GLN A 29 -3.23 -2.20 -6.98
C GLN A 29 -1.94 -1.51 -6.53
N MET A 30 -1.96 -0.72 -5.45
CA MET A 30 -0.78 -0.05 -4.94
C MET A 30 0.33 -1.04 -4.62
N LYS A 31 0.00 -2.18 -4.00
CA LYS A 31 0.99 -3.21 -3.70
C LYS A 31 1.70 -3.70 -4.97
N LYS A 32 0.93 -4.09 -6.01
CA LYS A 32 1.53 -4.63 -7.22
C LYS A 32 2.30 -3.55 -8.00
N GLU A 33 1.79 -2.31 -7.99
CA GLU A 33 2.37 -1.22 -8.75
C GLU A 33 3.70 -0.81 -8.13
N LYS A 34 3.68 -0.40 -6.85
CA LYS A 34 4.88 -0.06 -6.11
C LYS A 34 5.85 -1.24 -6.08
N GLY A 35 5.29 -2.45 -6.04
CA GLY A 35 5.97 -3.72 -6.23
C GLY A 35 6.81 -3.71 -7.50
N LEU A 36 6.21 -4.08 -8.63
CA LEU A 36 6.93 -4.33 -9.88
C LEU A 36 6.00 -4.24 -11.10
N PHE A 37 5.10 -3.26 -11.11
CA PHE A 37 4.14 -3.08 -12.20
C PHE A 37 3.84 -1.59 -12.40
#